data_7ZDC
#
_entry.id   7ZDC
#
loop_
_entity.id
_entity.type
_entity.pdbx_description
1 polymer 'ATP-binding/permease protein CydC'
2 polymer 'ATP-binding/permease protein CydD'
3 non-polymer 'HEME B/C'
4 non-polymer 'MAGNESIUM ION'
5 non-polymer "ADENOSINE-5'-DIPHOSPHATE"
#
loop_
_entity_poly.entity_id
_entity_poly.type
_entity_poly.pdbx_seq_one_letter_code
_entity_poly.pdbx_strand_id
1 'polypeptide(L)'
;MRALLPYLALYKRHKWMLSLGIVLAIVTLLASIGLLTLSGWFLSASAVAGVAGLYSFNYMLPAAGVRGAAITRTAGRYFE
RLVSHDATFRVLQHLRIYTFSKLLPLSPAGLARYRQGELLNRVVADVDTLDHLYLRVISPLVGAFVVIMVVTIGLSFLDF
TLAFTLGGIMLLTLFLMPPLFYRAGKSTGQNLTHLRGQYRQQLTAWLQGQAELTIFGASDRYRTQLENTEIQWLEAQRRQ
SELTALSQAIMLLIGALAVILMLWMASGGVGGNAQPGALIALFVFCALAAFEALAPVTGAFQHLGQVIASAVRISDLTDQ
KPEVTFPDTQTRVADRVSLTLRDVQFTYPEQSQQALKGISLQVNAGEHIAILGRTGCGKSTLLQQLTRAWDPQQGEILLN
DSPIASLNEAALRQTISVVPQRVHLFSATLRDNLLLASPGSSDEALSEILRRVGLEKLLEDAGLNSWLGEGGRQLSGGEL
RRLAIARALLHDAPLVLLDEPTEGLDATTESQILELLAEMMREKTVLMVTHRLRGLSRFQQIIVMDNGQIIEQGTHAELL
ARQGRYYQFKQGL
;
C
2 'polypeptide(L)'
;MNKSRQKELTRWLKQQSVISQRWLNISRLLGFVSGILIIAQAWFMARILQHMIMENIPREALLLPFTLLVLTFVLRAWVV
WLRERVGYHAGQHIRFAIRRQVLDRLQQAGPAWIQGKPAGSWATLVLEQIDDMHDYYARYLPQMALAVSVPLLIVVAIFP
SNWAAALILLGTAPLIPLFMALVGMGAADANRRNFLALARLSGHFLDRLRGMETLRIFGRGEAEIESIRSASEDFRQRTM
EVLRLAFLSSGILEFFTSLSIALVAVYFGFSYLGELDFGHYDTGVTLAAGFLALILAPEFFQPLRDLGTFYHAKAQAVGA
ADSLKTFMETPLAHPQRGEAELASTDPVTIEAEELFITSPEGKTLAGPLNFTLPAGQRAVLVGRSGSGKSSLLNALSGFL
SYQGSLRINGIELRDLSPESWRKHLSWVGQNPQLPAATLRDNVLLARPDASEQELQAALDNAWVSEFLPLLPQGVDTPVG
DQAARLSVGQAQRVAVARALLNPCSLLLLDEPAASLDAHSEQRVMEALNAASLRQTTLMVTHQLEDLADWDVIWVMQDGR
IIEQGRYAELSVAGGPFATLLAHRQEEI
;
D
#
# COMPACT_ATOMS: atom_id res chain seq x y z
N MET A 1 7.41 -13.19 20.54
CA MET A 1 6.08 -13.67 20.86
C MET A 1 5.48 -12.86 22.02
N ARG A 2 6.37 -12.24 22.80
CA ARG A 2 5.94 -11.38 23.93
C ARG A 2 5.54 -10.01 23.38
N ALA A 3 5.89 -9.72 22.12
CA ALA A 3 5.49 -8.45 21.52
C ALA A 3 4.02 -8.42 21.17
N LEU A 4 3.36 -9.57 21.11
CA LEU A 4 1.96 -9.64 20.74
C LEU A 4 1.02 -9.49 21.92
N LEU A 5 1.53 -9.50 23.15
CA LEU A 5 0.67 -9.36 24.32
C LEU A 5 -0.14 -8.07 24.33
N PRO A 6 0.40 -6.90 23.97
CA PRO A 6 -0.46 -5.69 23.93
C PRO A 6 -1.62 -5.81 22.96
N TYR A 7 -1.53 -6.67 21.95
CA TYR A 7 -2.56 -6.81 20.94
C TYR A 7 -3.44 -8.03 21.14
N LEU A 8 -3.01 -8.99 21.95
CA LEU A 8 -3.90 -10.05 22.41
C LEU A 8 -4.76 -9.61 23.58
N ALA A 9 -4.39 -8.51 24.25
CA ALA A 9 -5.21 -7.94 25.30
C ALA A 9 -6.31 -7.04 24.77
N LEU A 10 -6.25 -6.67 23.50
CA LEU A 10 -7.36 -5.97 22.87
C LEU A 10 -8.49 -6.92 22.51
N TYR A 11 -8.26 -8.23 22.62
CA TYR A 11 -9.27 -9.23 22.33
C TYR A 11 -10.30 -9.37 23.43
N LYS A 12 -10.08 -8.76 24.59
CA LYS A 12 -11.05 -8.85 25.67
C LYS A 12 -12.38 -8.23 25.26
N ARG A 13 -12.32 -7.14 24.50
CA ARG A 13 -13.50 -6.69 23.77
C ARG A 13 -13.79 -7.67 22.65
N HIS A 14 -15.05 -8.08 22.53
CA HIS A 14 -15.45 -9.11 21.57
C HIS A 14 -14.67 -10.40 21.80
N LYS A 15 -14.56 -10.84 23.05
CA LYS A 15 -13.92 -12.11 23.32
C LYS A 15 -14.88 -13.29 23.18
N TRP A 16 -16.17 -13.03 22.96
CA TRP A 16 -17.12 -14.09 22.68
C TRP A 16 -17.30 -14.33 21.19
N MET A 17 -17.27 -13.26 20.39
CA MET A 17 -17.28 -13.42 18.95
C MET A 17 -16.01 -14.10 18.46
N LEU A 18 -14.86 -13.74 19.06
CA LEU A 18 -13.60 -14.34 18.66
C LEU A 18 -13.54 -15.81 19.05
N SER A 19 -13.98 -16.14 20.28
CA SER A 19 -13.93 -17.53 20.72
C SER A 19 -15.01 -18.37 20.06
N LEU A 20 -16.11 -17.76 19.60
CA LEU A 20 -17.09 -18.51 18.84
C LEU A 20 -16.58 -18.84 17.44
N GLY A 21 -15.78 -17.95 16.86
CA GLY A 21 -15.21 -18.23 15.55
C GLY A 21 -14.14 -19.30 15.55
N ILE A 22 -13.60 -19.64 16.71
CA ILE A 22 -12.67 -20.75 16.82
C ILE A 22 -13.37 -22.05 17.19
N VAL A 23 -14.42 -21.97 18.01
CA VAL A 23 -15.22 -23.15 18.32
C VAL A 23 -15.90 -23.67 17.06
N LEU A 24 -16.45 -22.77 16.25
CA LEU A 24 -17.11 -23.19 15.02
C LEU A 24 -16.13 -23.78 14.02
N ALA A 25 -14.87 -23.35 14.06
CA ALA A 25 -13.86 -23.96 13.20
C ALA A 25 -13.53 -25.37 13.67
N ILE A 26 -13.51 -25.59 14.98
CA ILE A 26 -13.26 -26.92 15.51
C ILE A 26 -14.44 -27.84 15.24
N VAL A 27 -15.67 -27.35 15.45
CA VAL A 27 -16.86 -28.18 15.25
C VAL A 27 -16.97 -28.59 13.78
N THR A 28 -16.71 -27.66 12.86
CA THR A 28 -16.76 -27.99 11.44
C THR A 28 -15.68 -29.01 11.09
N LEU A 29 -14.51 -28.89 11.71
CA LEU A 29 -13.44 -29.84 11.43
C LEU A 29 -13.75 -31.21 12.02
N LEU A 30 -14.35 -31.25 13.20
CA LEU A 30 -14.66 -32.53 13.83
C LEU A 30 -15.85 -33.21 13.17
N ALA A 31 -16.79 -32.45 12.63
CA ALA A 31 -17.92 -33.06 11.94
C ALA A 31 -17.46 -33.74 10.65
N SER A 32 -16.53 -33.13 9.92
CA SER A 32 -16.01 -33.75 8.71
C SER A 32 -15.14 -34.96 9.04
N ILE A 33 -14.39 -34.88 10.15
CA ILE A 33 -13.60 -36.02 10.59
C ILE A 33 -14.50 -37.15 11.06
N GLY A 34 -15.61 -36.81 11.73
CA GLY A 34 -16.52 -37.82 12.23
C GLY A 34 -17.53 -38.30 11.22
N LEU A 35 -17.70 -37.58 10.10
CA LEU A 35 -18.57 -38.05 9.04
C LEU A 35 -17.91 -39.15 8.21
N LEU A 36 -16.60 -39.07 8.02
CA LEU A 36 -15.86 -40.10 7.29
C LEU A 36 -15.45 -41.26 8.19
N THR A 37 -15.31 -41.01 9.49
CA THR A 37 -15.02 -42.10 10.42
C THR A 37 -16.25 -42.97 10.66
N LEU A 38 -17.42 -42.33 10.81
CA LEU A 38 -18.66 -43.09 10.98
C LEU A 38 -19.03 -43.81 9.70
N SER A 39 -18.85 -43.16 8.55
CA SER A 39 -19.13 -43.81 7.28
C SER A 39 -18.20 -44.99 7.04
N GLY A 40 -16.92 -44.84 7.35
CA GLY A 40 -15.98 -45.92 7.16
C GLY A 40 -16.31 -47.14 8.02
N TRP A 41 -16.74 -46.90 9.25
CA TRP A 41 -17.14 -48.01 10.12
C TRP A 41 -18.45 -48.63 9.65
N PHE A 42 -19.37 -47.82 9.13
CA PHE A 42 -20.68 -48.32 8.73
C PHE A 42 -20.57 -49.32 7.58
N LEU A 43 -19.73 -49.01 6.58
CA LEU A 43 -19.52 -49.95 5.49
C LEU A 43 -18.87 -51.23 5.99
N SER A 44 -17.93 -51.11 6.93
CA SER A 44 -17.25 -52.29 7.45
C SER A 44 -18.17 -53.12 8.32
N ALA A 45 -18.91 -52.47 9.22
CA ALA A 45 -19.80 -53.20 10.12
C ALA A 45 -20.93 -53.86 9.37
N SER A 46 -21.50 -53.18 8.37
CA SER A 46 -22.61 -53.75 7.63
C SER A 46 -22.15 -54.85 6.67
N ALA A 47 -20.90 -54.79 6.21
CA ALA A 47 -20.41 -55.84 5.32
C ALA A 47 -20.14 -57.13 6.07
N VAL A 48 -19.55 -57.05 7.26
CA VAL A 48 -19.32 -58.25 8.05
C VAL A 48 -20.63 -58.80 8.61
N ALA A 49 -21.58 -57.91 8.93
CA ALA A 49 -22.89 -58.37 9.36
C ALA A 49 -23.59 -59.13 8.24
N GLY A 50 -23.55 -58.60 7.03
CA GLY A 50 -24.08 -59.28 5.88
C GLY A 50 -25.60 -59.26 5.85
N VAL A 51 -26.15 -59.98 4.86
CA VAL A 51 -27.60 -60.09 4.74
C VAL A 51 -28.18 -60.86 5.93
N ALA A 52 -27.45 -61.85 6.44
CA ALA A 52 -27.92 -62.61 7.58
C ALA A 52 -28.05 -61.73 8.81
N GLY A 53 -27.12 -60.80 9.00
CA GLY A 53 -27.11 -59.96 10.18
C GLY A 53 -27.90 -58.69 10.04
N LEU A 54 -28.85 -58.67 9.09
CA LEU A 54 -29.70 -57.50 8.91
C LEU A 54 -30.51 -57.22 10.17
N TYR A 55 -31.06 -58.27 10.78
CA TYR A 55 -31.83 -58.10 12.00
C TYR A 55 -30.91 -57.71 13.16
N SER A 56 -31.43 -56.87 14.06
CA SER A 56 -30.71 -56.43 15.25
C SER A 56 -29.36 -55.81 14.90
N PHE A 57 -29.34 -54.99 13.86
CA PHE A 57 -28.15 -54.22 13.52
C PHE A 57 -28.20 -52.80 14.05
N ASN A 58 -29.40 -52.24 14.25
CA ASN A 58 -29.59 -50.92 14.84
C ASN A 58 -28.86 -49.85 14.03
N TYR A 59 -29.32 -49.68 12.79
CA TYR A 59 -28.78 -48.67 11.90
C TYR A 59 -29.47 -47.33 12.06
N MET A 60 -30.44 -47.20 12.96
CA MET A 60 -31.07 -45.91 13.21
C MET A 60 -30.16 -44.99 14.03
N LEU A 61 -29.35 -45.55 14.92
CA LEU A 61 -28.39 -44.72 15.66
C LEU A 61 -27.33 -44.12 14.73
N PRO A 62 -26.68 -44.88 13.84
CA PRO A 62 -25.79 -44.22 12.87
C PRO A 62 -26.50 -43.25 11.96
N ALA A 63 -27.78 -43.51 11.63
CA ALA A 63 -28.53 -42.59 10.78
C ALA A 63 -28.68 -41.22 11.44
N ALA A 64 -28.93 -41.19 12.74
CA ALA A 64 -29.00 -39.93 13.46
C ALA A 64 -27.63 -39.31 13.72
N GLY A 65 -26.55 -40.04 13.45
CA GLY A 65 -25.22 -39.49 13.54
C GLY A 65 -24.73 -39.03 12.19
N VAL A 66 -25.14 -39.73 11.14
CA VAL A 66 -24.89 -39.28 9.78
C VAL A 66 -25.62 -37.96 9.52
N ARG A 67 -26.86 -37.91 9.98
CA ARG A 67 -27.72 -36.70 9.82
C ARG A 67 -27.15 -35.56 10.66
N GLY A 68 -26.69 -35.87 11.88
CA GLY A 68 -26.17 -34.84 12.77
C GLY A 68 -24.83 -34.28 12.32
N ALA A 69 -23.94 -35.15 11.82
CA ALA A 69 -22.63 -34.71 11.41
C ALA A 69 -22.65 -33.95 10.09
N ALA A 70 -23.74 -34.04 9.33
CA ALA A 70 -23.83 -33.29 8.08
C ALA A 70 -24.35 -31.88 8.32
N ILE A 71 -25.34 -31.72 9.22
CA ILE A 71 -25.86 -30.40 9.52
C ILE A 71 -24.82 -29.56 10.23
N THR A 72 -24.13 -30.13 11.22
CA THR A 72 -23.10 -29.39 11.94
C THR A 72 -21.89 -29.05 11.09
N ARG A 73 -21.73 -29.69 9.94
CA ARG A 73 -20.62 -29.42 9.05
C ARG A 73 -20.97 -28.37 7.99
N THR A 74 -22.20 -28.38 7.50
CA THR A 74 -22.60 -27.38 6.52
C THR A 74 -23.05 -26.08 7.19
N ALA A 75 -23.70 -26.18 8.34
CA ALA A 75 -24.03 -24.97 9.10
C ALA A 75 -22.82 -24.44 9.86
N GLY A 76 -21.95 -25.32 10.32
CA GLY A 76 -20.74 -24.86 11.00
C GLY A 76 -19.82 -24.10 10.07
N ARG A 77 -19.65 -24.58 8.83
CA ARG A 77 -18.78 -23.89 7.89
C ARG A 77 -19.34 -22.54 7.48
N TYR A 78 -20.66 -22.46 7.29
CA TYR A 78 -21.28 -21.18 6.91
C TYR A 78 -21.16 -20.17 8.03
N PHE A 79 -21.35 -20.60 9.28
CA PHE A 79 -21.30 -19.69 10.40
C PHE A 79 -19.90 -19.44 10.93
N GLU A 80 -18.96 -20.37 10.69
CA GLU A 80 -17.57 -20.10 11.01
C GLU A 80 -17.01 -18.99 10.13
N ARG A 81 -17.39 -18.99 8.84
CA ARG A 81 -16.96 -17.91 7.96
C ARG A 81 -17.60 -16.60 8.34
N LEU A 82 -18.89 -16.62 8.70
CA LEU A 82 -19.58 -15.38 9.06
C LEU A 82 -19.02 -14.78 10.34
N VAL A 83 -18.90 -15.59 11.40
CA VAL A 83 -18.49 -15.07 12.70
C VAL A 83 -17.04 -14.62 12.66
N SER A 84 -16.18 -15.39 11.99
CA SER A 84 -14.76 -15.07 11.99
C SER A 84 -14.43 -13.88 11.10
N HIS A 85 -15.21 -13.64 10.05
CA HIS A 85 -15.03 -12.43 9.27
C HIS A 85 -15.62 -11.22 9.97
N ASP A 86 -16.76 -11.39 10.64
CA ASP A 86 -17.34 -10.31 11.42
C ASP A 86 -16.41 -9.91 12.55
N ALA A 87 -15.80 -10.89 13.22
CA ALA A 87 -14.86 -10.60 14.29
C ALA A 87 -13.56 -9.99 13.79
N THR A 88 -13.17 -10.29 12.55
CA THR A 88 -11.96 -9.68 11.99
C THR A 88 -12.16 -8.20 11.71
N PHE A 89 -13.36 -7.80 11.26
CA PHE A 89 -13.63 -6.39 11.07
C PHE A 89 -13.78 -5.66 12.39
N ARG A 90 -14.17 -6.37 13.45
CA ARG A 90 -14.34 -5.73 14.75
C ARG A 90 -13.01 -5.52 15.46
N VAL A 91 -12.06 -6.43 15.27
CA VAL A 91 -10.74 -6.23 15.86
C VAL A 91 -9.90 -5.29 15.02
N LEU A 92 -10.21 -5.14 13.73
CA LEU A 92 -9.54 -4.14 12.92
C LEU A 92 -9.95 -2.74 13.33
N GLN A 93 -11.23 -2.54 13.62
CA GLN A 93 -11.69 -1.25 14.11
C GLN A 93 -11.06 -0.91 15.45
N HIS A 94 -10.98 -1.89 16.36
CA HIS A 94 -10.40 -1.64 17.67
C HIS A 94 -8.89 -1.48 17.60
N LEU A 95 -8.23 -2.05 16.60
CA LEU A 95 -6.82 -1.76 16.36
C LEU A 95 -6.65 -0.36 15.81
N ARG A 96 -7.54 0.06 14.91
CA ARG A 96 -7.48 1.41 14.36
C ARG A 96 -7.75 2.45 15.44
N ILE A 97 -8.73 2.21 16.31
CA ILE A 97 -9.05 3.16 17.36
C ILE A 97 -7.94 3.22 18.39
N TYR A 98 -7.37 2.07 18.75
CA TYR A 98 -6.28 2.04 19.71
C TYR A 98 -5.04 2.75 19.18
N THR A 99 -4.68 2.49 17.92
CA THR A 99 -3.49 3.12 17.34
C THR A 99 -3.65 4.63 17.25
N PHE A 100 -4.82 5.11 16.82
CA PHE A 100 -5.04 6.54 16.72
C PHE A 100 -5.03 7.20 18.10
N SER A 101 -5.60 6.53 19.11
CA SER A 101 -5.64 7.09 20.45
C SER A 101 -4.25 7.19 21.05
N LYS A 102 -3.35 6.29 20.67
CA LYS A 102 -1.99 6.32 21.22
C LYS A 102 -1.09 7.26 20.42
N LEU A 103 -1.30 7.35 19.11
CA LEU A 103 -0.44 8.13 18.24
C LEU A 103 -0.77 9.61 18.25
N LEU A 104 -1.92 10.01 18.77
CA LEU A 104 -2.30 11.41 18.74
C LEU A 104 -1.62 12.25 19.83
N PRO A 105 -1.60 11.83 21.09
CA PRO A 105 -0.96 12.66 22.13
C PRO A 105 0.52 12.86 21.93
N LEU A 106 1.13 12.22 20.94
CA LEU A 106 2.53 12.41 20.59
C LEU A 106 2.67 12.74 19.10
N SER A 107 1.78 13.60 18.60
CA SER A 107 1.70 13.82 17.16
C SER A 107 2.88 14.60 16.62
N PRO A 108 3.19 15.83 17.08
CA PRO A 108 4.27 16.60 16.45
C PRO A 108 5.64 15.98 16.70
N ALA A 109 5.97 15.72 17.96
CA ALA A 109 7.32 15.32 18.32
C ALA A 109 7.53 13.81 18.11
N GLY A 110 6.58 12.99 18.55
CA GLY A 110 6.75 11.56 18.47
C GLY A 110 6.68 10.99 17.07
N LEU A 111 6.31 11.81 16.08
CA LEU A 111 6.17 11.35 14.71
C LEU A 111 7.02 12.17 13.73
N ALA A 112 8.08 12.81 14.22
CA ALA A 112 9.02 13.47 13.34
C ALA A 112 10.06 12.47 12.85
N ARG A 113 9.59 11.36 12.30
CA ARG A 113 10.47 10.27 11.87
C ARG A 113 10.77 10.40 10.38
N TYR A 114 11.79 9.66 9.95
CA TYR A 114 12.22 9.71 8.56
C TYR A 114 11.10 9.26 7.63
N ARG A 115 10.92 10.00 6.54
CA ARG A 115 9.91 9.71 5.53
C ARG A 115 8.51 9.66 6.15
N GLN A 116 8.08 10.85 6.61
CA GLN A 116 6.80 10.97 7.30
C GLN A 116 5.66 10.41 6.47
N GLY A 117 5.68 10.64 5.15
CA GLY A 117 4.67 10.04 4.29
C GLY A 117 4.78 8.53 4.24
N GLU A 118 6.00 8.00 4.28
CA GLU A 118 6.22 6.55 4.29
C GLU A 118 6.08 5.96 5.68
N LEU A 119 6.31 6.75 6.72
CA LEU A 119 6.15 6.23 8.09
C LEU A 119 4.70 5.85 8.35
N LEU A 120 3.75 6.57 7.77
CA LEU A 120 2.34 6.32 8.02
C LEU A 120 1.73 5.30 7.08
N ASN A 121 2.32 5.08 5.91
CA ASN A 121 1.88 3.97 5.07
C ASN A 121 2.27 2.64 5.66
N ARG A 122 3.36 2.60 6.45
CA ARG A 122 3.71 1.40 7.16
C ARG A 122 2.78 1.16 8.34
N VAL A 123 2.39 2.21 9.04
CA VAL A 123 1.48 2.07 10.19
C VAL A 123 0.14 1.51 9.73
N VAL A 124 -0.38 2.01 8.62
CA VAL A 124 -1.64 1.52 8.10
C VAL A 124 -1.50 0.07 7.66
N ALA A 125 -0.37 -0.28 7.04
CA ALA A 125 -0.12 -1.65 6.63
C ALA A 125 0.24 -2.55 7.80
N ASP A 126 0.80 -1.99 8.88
CA ASP A 126 1.08 -2.79 10.07
C ASP A 126 -0.19 -3.07 10.86
N VAL A 127 -1.10 -2.10 10.93
CA VAL A 127 -2.38 -2.34 11.59
C VAL A 127 -3.19 -3.37 10.80
N ASP A 128 -3.07 -3.36 9.48
CA ASP A 128 -3.72 -4.38 8.67
C ASP A 128 -3.13 -5.76 8.95
N THR A 129 -1.83 -5.83 9.21
CA THR A 129 -1.19 -7.12 9.45
C THR A 129 -1.50 -7.66 10.85
N LEU A 130 -1.66 -6.79 11.84
CA LEU A 130 -2.14 -7.26 13.14
C LEU A 130 -3.56 -7.79 13.05
N ASP A 131 -4.33 -7.30 12.07
CA ASP A 131 -5.68 -7.79 11.87
C ASP A 131 -5.72 -9.24 11.39
N HIS A 132 -4.61 -9.72 10.82
CA HIS A 132 -4.53 -11.09 10.33
C HIS A 132 -4.21 -12.10 11.42
N LEU A 133 -3.83 -11.65 12.61
CA LEU A 133 -3.35 -12.57 13.64
C LEU A 133 -4.43 -13.56 14.07
N TYR A 134 -5.70 -13.18 13.97
CA TYR A 134 -6.76 -14.05 14.46
C TYR A 134 -7.13 -15.13 13.45
N LEU A 135 -7.53 -14.73 12.24
CA LEU A 135 -7.92 -15.72 11.23
C LEU A 135 -6.73 -16.46 10.65
N ARG A 136 -5.60 -15.79 10.48
CA ARG A 136 -4.50 -16.41 9.75
C ARG A 136 -3.57 -17.20 10.64
N VAL A 137 -3.49 -16.88 11.94
CA VAL A 137 -2.53 -17.51 12.84
C VAL A 137 -3.23 -18.21 14.01
N ILE A 138 -4.13 -17.51 14.68
CA ILE A 138 -4.71 -18.05 15.91
C ILE A 138 -5.78 -19.09 15.59
N SER A 139 -6.69 -18.78 14.68
CA SER A 139 -7.75 -19.73 14.35
C SER A 139 -7.23 -21.04 13.79
N PRO A 140 -6.28 -21.07 12.85
CA PRO A 140 -5.80 -22.38 12.37
C PRO A 140 -4.99 -23.14 13.40
N LEU A 141 -4.07 -22.48 14.11
CA LEU A 141 -3.21 -23.19 15.05
C LEU A 141 -3.98 -23.72 16.24
N VAL A 142 -4.87 -22.90 16.82
CA VAL A 142 -5.67 -23.36 17.94
C VAL A 142 -6.71 -24.36 17.49
N GLY A 143 -7.33 -24.12 16.33
CA GLY A 143 -8.32 -25.05 15.82
C GLY A 143 -7.76 -26.43 15.52
N ALA A 144 -6.50 -26.48 15.07
CA ALA A 144 -5.87 -27.76 14.76
C ALA A 144 -5.46 -28.49 16.03
N PHE A 145 -4.99 -27.76 17.04
CA PHE A 145 -4.55 -28.40 18.28
C PHE A 145 -5.71 -29.06 19.01
N VAL A 146 -6.85 -28.37 19.09
CA VAL A 146 -8.01 -28.94 19.79
C VAL A 146 -8.56 -30.14 19.03
N VAL A 147 -8.54 -30.08 17.70
CA VAL A 147 -9.04 -31.19 16.90
C VAL A 147 -8.17 -32.43 17.09
N ILE A 148 -6.86 -32.25 17.20
CA ILE A 148 -5.97 -33.39 17.44
C ILE A 148 -6.23 -33.98 18.82
N MET A 149 -6.49 -33.14 19.82
CA MET A 149 -6.74 -33.66 21.16
C MET A 149 -8.10 -34.34 21.25
N VAL A 150 -9.14 -33.72 20.69
CA VAL A 150 -10.47 -34.32 20.74
C VAL A 150 -10.49 -35.64 20.01
N VAL A 151 -9.81 -35.72 18.86
CA VAL A 151 -9.71 -36.98 18.14
C VAL A 151 -8.97 -38.01 18.98
N THR A 152 -7.80 -37.63 19.52
CA THR A 152 -7.01 -38.57 20.30
C THR A 152 -7.73 -39.02 21.56
N ILE A 153 -8.34 -38.08 22.28
CA ILE A 153 -9.06 -38.44 23.50
C ILE A 153 -10.26 -39.31 23.16
N GLY A 154 -11.01 -38.94 22.12
CA GLY A 154 -12.16 -39.72 21.73
C GLY A 154 -11.84 -41.03 21.07
N LEU A 155 -10.66 -41.15 20.48
CA LEU A 155 -10.24 -42.39 19.82
C LEU A 155 -9.48 -43.32 20.76
N SER A 156 -9.15 -42.86 21.96
CA SER A 156 -8.45 -43.70 22.93
C SER A 156 -9.39 -44.60 23.71
N PHE A 157 -10.70 -44.43 23.57
CA PHE A 157 -11.64 -45.34 24.23
C PHE A 157 -11.56 -46.73 23.61
N LEU A 158 -11.35 -46.80 22.29
CA LEU A 158 -11.17 -48.08 21.64
C LEU A 158 -9.81 -48.68 21.92
N ASP A 159 -8.75 -47.87 21.88
CA ASP A 159 -7.39 -48.37 22.07
C ASP A 159 -6.47 -47.20 22.38
N PHE A 160 -5.53 -47.42 23.31
CA PHE A 160 -4.58 -46.35 23.71
C PHE A 160 -3.35 -46.33 22.79
N THR A 161 -2.78 -47.48 22.46
CA THR A 161 -1.56 -47.50 21.67
C THR A 161 -1.80 -47.09 20.22
N LEU A 162 -3.04 -47.08 19.76
CA LEU A 162 -3.35 -46.64 18.41
C LEU A 162 -3.76 -45.17 18.36
N ALA A 163 -4.43 -44.68 19.41
CA ALA A 163 -4.76 -43.26 19.45
C ALA A 163 -3.53 -42.41 19.72
N PHE A 164 -2.57 -42.92 20.50
CA PHE A 164 -1.38 -42.16 20.81
C PHE A 164 -0.33 -42.20 19.70
N THR A 165 -0.45 -43.13 18.75
CA THR A 165 0.46 -43.17 17.62
C THR A 165 -0.09 -42.43 16.40
N LEU A 166 -1.38 -42.12 16.39
CA LEU A 166 -1.95 -41.24 15.39
C LEU A 166 -1.99 -39.80 15.90
N GLY A 167 -2.47 -39.60 17.12
CA GLY A 167 -2.42 -38.28 17.72
C GLY A 167 -1.00 -37.81 17.95
N GLY A 168 -0.11 -38.74 18.30
CA GLY A 168 1.29 -38.37 18.46
C GLY A 168 1.92 -37.92 17.16
N ILE A 169 1.59 -38.61 16.06
CA ILE A 169 2.10 -38.19 14.75
C ILE A 169 1.56 -36.82 14.39
N MET A 170 0.27 -36.58 14.64
CA MET A 170 -0.32 -35.29 14.31
C MET A 170 0.22 -34.20 15.21
N LEU A 171 0.53 -34.51 16.47
CA LEU A 171 1.08 -33.50 17.36
C LEU A 171 2.52 -33.18 17.03
N LEU A 172 3.28 -34.16 16.57
CA LEU A 172 4.67 -33.90 16.16
C LEU A 172 4.72 -32.98 14.95
N THR A 173 3.89 -33.24 13.94
CA THR A 173 3.89 -32.40 12.75
C THR A 173 3.21 -31.06 12.97
N LEU A 174 2.53 -30.86 14.10
CA LEU A 174 1.98 -29.56 14.43
C LEU A 174 2.95 -28.72 15.24
N PHE A 175 3.76 -29.34 16.10
CA PHE A 175 4.69 -28.62 16.94
C PHE A 175 6.11 -28.60 16.40
N LEU A 176 6.53 -29.66 15.70
CA LEU A 176 7.90 -29.70 15.20
C LEU A 176 8.02 -29.09 13.81
N MET A 177 7.10 -29.39 12.90
CA MET A 177 7.36 -29.07 11.50
C MET A 177 7.20 -27.58 11.18
N PRO A 178 6.20 -26.87 11.68
CA PRO A 178 6.09 -25.43 11.39
C PRO A 178 7.33 -24.66 11.79
N PRO A 179 7.97 -24.96 12.94
CA PRO A 179 9.23 -24.26 13.24
C PRO A 179 10.40 -24.69 12.38
N LEU A 180 10.53 -25.97 12.07
CA LEU A 180 11.62 -26.41 11.18
C LEU A 180 11.53 -25.80 9.79
N PHE A 181 10.34 -25.40 9.34
CA PHE A 181 10.21 -24.77 8.04
C PHE A 181 10.31 -23.25 8.12
N TYR A 182 9.97 -22.65 9.26
CA TYR A 182 10.18 -21.22 9.42
C TYR A 182 11.66 -20.89 9.59
N ARG A 183 12.42 -21.81 10.21
CA ARG A 183 13.87 -21.55 10.41
C ARG A 183 14.66 -21.91 9.14
N ALA A 184 14.17 -22.89 8.36
CA ALA A 184 14.84 -23.27 7.13
C ALA A 184 14.71 -22.23 6.03
N GLY A 185 13.76 -21.31 6.16
CA GLY A 185 13.58 -20.27 5.16
C GLY A 185 13.66 -18.89 5.76
N LYS A 186 14.31 -18.78 6.91
CA LYS A 186 14.56 -17.47 7.52
C LYS A 186 15.69 -16.75 6.81
N SER A 187 16.63 -17.49 6.23
CA SER A 187 17.69 -16.87 5.43
C SER A 187 17.15 -16.41 4.08
N THR A 188 16.34 -17.24 3.43
CA THR A 188 15.73 -16.86 2.17
C THR A 188 14.71 -15.75 2.33
N GLY A 189 14.07 -15.66 3.48
CA GLY A 189 13.10 -14.61 3.75
C GLY A 189 13.67 -13.31 4.23
N GLN A 190 14.98 -13.27 4.50
CA GLN A 190 15.66 -12.05 4.90
C GLN A 190 16.32 -11.32 3.73
N ASN A 191 16.94 -12.06 2.81
CA ASN A 191 17.42 -11.44 1.58
C ASN A 191 16.32 -11.29 0.54
N LEU A 192 15.10 -11.67 0.90
CA LEU A 192 13.93 -11.36 0.09
C LEU A 192 13.30 -10.04 0.50
N THR A 193 13.44 -9.67 1.77
CA THR A 193 13.08 -8.33 2.22
C THR A 193 14.15 -7.32 1.83
N HIS A 194 15.42 -7.74 1.83
CA HIS A 194 16.49 -6.86 1.38
C HIS A 194 16.36 -6.51 -0.10
N LEU A 195 16.02 -7.51 -0.93
CA LEU A 195 15.91 -7.27 -2.36
C LEU A 195 14.62 -6.55 -2.73
N ARG A 196 13.54 -6.78 -1.99
CA ARG A 196 12.31 -6.05 -2.27
C ARG A 196 12.48 -4.57 -1.99
N GLY A 197 13.14 -4.23 -0.89
CA GLY A 197 13.39 -2.83 -0.57
C GLY A 197 14.51 -2.21 -1.37
N GLN A 198 15.33 -3.02 -2.02
CA GLN A 198 16.37 -2.49 -2.90
C GLN A 198 15.82 -2.24 -4.30
N TYR A 199 14.93 -3.10 -4.78
CA TYR A 199 14.27 -2.83 -6.06
C TYR A 199 13.41 -1.58 -5.98
N ARG A 200 12.69 -1.40 -4.88
CA ARG A 200 11.90 -0.19 -4.71
C ARG A 200 12.79 1.04 -4.61
N GLN A 201 13.94 0.91 -3.96
CA GLN A 201 14.89 2.01 -3.88
C GLN A 201 15.39 2.41 -5.26
N GLN A 202 15.70 1.43 -6.10
CA GLN A 202 16.19 1.71 -7.45
C GLN A 202 15.08 2.13 -8.39
N LEU A 203 13.86 1.63 -8.18
CA LEU A 203 12.75 2.00 -9.04
C LEU A 203 12.31 3.43 -8.79
N THR A 204 12.21 3.83 -7.52
CA THR A 204 11.83 5.20 -7.20
C THR A 204 12.87 6.19 -7.70
N ALA A 205 14.16 5.85 -7.56
CA ALA A 205 15.21 6.70 -8.09
C ALA A 205 15.27 6.68 -9.61
N TRP A 206 14.64 5.71 -10.25
CA TRP A 206 14.56 5.66 -11.70
C TRP A 206 13.32 6.36 -12.23
N LEU A 207 12.24 6.39 -11.44
CA LEU A 207 11.03 7.11 -11.85
C LEU A 207 11.10 8.58 -11.48
N GLN A 208 11.60 8.90 -10.29
CA GLN A 208 11.71 10.29 -9.88
C GLN A 208 12.75 11.04 -10.69
N GLY A 209 13.83 10.37 -11.06
CA GLY A 209 14.90 11.02 -11.79
C GLY A 209 14.89 10.70 -13.26
N GLN A 210 13.70 10.57 -13.86
CA GLN A 210 13.61 10.23 -15.26
C GLN A 210 13.98 11.40 -16.16
N ALA A 211 13.72 12.63 -15.71
CA ALA A 211 14.11 13.80 -16.49
C ALA A 211 15.63 13.90 -16.59
N GLU A 212 16.33 13.68 -15.49
CA GLU A 212 17.77 13.81 -15.44
C GLU A 212 18.50 12.56 -15.93
N LEU A 213 17.79 11.49 -16.24
CA LEU A 213 18.40 10.31 -16.84
C LEU A 213 18.29 10.31 -18.35
N THR A 214 17.13 10.70 -18.89
CA THR A 214 16.98 10.78 -20.34
C THR A 214 17.89 11.85 -20.94
N ILE A 215 17.98 13.00 -20.29
CA ILE A 215 18.81 14.10 -20.81
C ILE A 215 20.28 13.70 -20.84
N PHE A 216 20.77 13.07 -19.77
CA PHE A 216 22.16 12.70 -19.67
C PHE A 216 22.44 11.30 -20.20
N GLY A 217 21.47 10.68 -20.86
CA GLY A 217 21.69 9.42 -21.54
C GLY A 217 22.05 8.26 -20.64
N ALA A 218 21.41 8.17 -19.47
CA ALA A 218 21.65 7.08 -18.54
C ALA A 218 20.38 6.32 -18.19
N SER A 219 19.29 6.55 -18.91
CA SER A 219 18.03 5.91 -18.57
C SER A 219 18.08 4.41 -18.83
N ASP A 220 18.75 3.99 -19.91
CA ASP A 220 18.75 2.58 -20.27
C ASP A 220 19.64 1.77 -19.35
N ARG A 221 20.80 2.32 -18.95
CA ARG A 221 21.71 1.56 -18.10
C ARG A 221 21.32 1.59 -16.64
N TYR A 222 20.41 2.48 -16.23
CA TYR A 222 19.85 2.43 -14.89
C TYR A 222 18.58 1.60 -14.82
N ARG A 223 18.04 1.19 -15.97
CA ARG A 223 16.99 0.18 -15.99
C ARG A 223 17.55 -1.22 -16.14
N THR A 224 18.65 -1.38 -16.87
CA THR A 224 19.33 -2.67 -16.92
C THR A 224 19.79 -3.08 -15.52
N GLN A 225 20.30 -2.13 -14.75
CA GLN A 225 20.60 -2.39 -13.35
C GLN A 225 19.33 -2.71 -12.57
N LEU A 226 18.23 -2.01 -12.88
CA LEU A 226 16.96 -2.28 -12.23
C LEU A 226 16.46 -3.67 -12.53
N GLU A 227 16.57 -4.10 -13.80
CA GLU A 227 16.15 -5.44 -14.17
C GLU A 227 17.03 -6.52 -13.57
N ASN A 228 18.28 -6.20 -13.22
CA ASN A 228 19.13 -7.19 -12.57
C ASN A 228 18.73 -7.40 -11.12
N THR A 229 18.30 -6.34 -10.44
CA THR A 229 17.79 -6.49 -9.09
C THR A 229 16.52 -7.33 -9.07
N GLU A 230 15.64 -7.13 -10.07
CA GLU A 230 14.43 -7.94 -10.15
C GLU A 230 14.77 -9.40 -10.41
N ILE A 231 15.76 -9.68 -11.26
CA ILE A 231 16.13 -11.05 -11.54
C ILE A 231 16.72 -11.71 -10.30
N GLN A 232 17.52 -10.97 -9.52
CA GLN A 232 17.97 -11.48 -8.24
C GLN A 232 16.80 -11.65 -7.27
N TRP A 233 15.85 -10.73 -7.33
CA TRP A 233 14.69 -10.79 -6.45
C TRP A 233 13.76 -11.96 -6.83
N LEU A 234 13.61 -12.21 -8.14
CA LEU A 234 12.76 -13.30 -8.58
C LEU A 234 13.37 -14.66 -8.32
N GLU A 235 14.68 -14.73 -8.02
CA GLU A 235 15.26 -16.01 -7.62
C GLU A 235 15.06 -16.26 -6.13
N ALA A 236 15.14 -15.22 -5.30
CA ALA A 236 14.85 -15.40 -3.89
C ALA A 236 13.39 -15.75 -3.66
N GLN A 237 12.49 -15.30 -4.54
CA GLN A 237 11.10 -15.75 -4.50
C GLN A 237 10.97 -17.18 -5.01
N ARG A 238 11.86 -17.60 -5.90
CA ARG A 238 11.83 -18.98 -6.38
C ARG A 238 12.26 -19.95 -5.28
N ARG A 239 13.31 -19.60 -4.53
CA ARG A 239 13.73 -20.46 -3.43
C ARG A 239 12.69 -20.51 -2.32
N GLN A 240 11.93 -19.44 -2.14
CA GLN A 240 10.83 -19.45 -1.17
C GLN A 240 9.65 -20.28 -1.63
N SER A 241 9.64 -20.71 -2.90
CA SER A 241 8.65 -21.65 -3.39
C SER A 241 9.19 -23.06 -3.49
N GLU A 242 10.50 -23.24 -3.64
CA GLU A 242 11.10 -24.55 -3.50
C GLU A 242 10.94 -25.09 -2.09
N LEU A 243 10.71 -24.21 -1.11
CA LEU A 243 10.52 -24.60 0.27
C LEU A 243 9.06 -24.68 0.68
N THR A 244 8.16 -23.98 -0.02
CA THR A 244 6.74 -24.19 0.17
C THR A 244 6.27 -25.47 -0.53
N ALA A 245 6.88 -25.81 -1.66
CA ALA A 245 6.58 -27.07 -2.31
C ALA A 245 6.97 -28.25 -1.44
N LEU A 246 8.13 -28.16 -0.78
CA LEU A 246 8.57 -29.23 0.09
C LEU A 246 7.68 -29.37 1.32
N SER A 247 7.19 -28.26 1.85
CA SER A 247 6.34 -28.32 3.02
C SER A 247 4.97 -28.91 2.71
N GLN A 248 4.58 -28.95 1.44
CA GLN A 248 3.33 -29.58 1.03
C GLN A 248 3.52 -31.03 0.65
N ALA A 249 4.66 -31.38 0.07
CA ALA A 249 4.97 -32.78 -0.17
C ALA A 249 5.15 -33.53 1.14
N ILE A 250 5.80 -32.90 2.11
CA ILE A 250 6.05 -33.55 3.40
C ILE A 250 4.75 -33.72 4.17
N MET A 251 3.86 -32.73 4.12
CA MET A 251 2.55 -32.89 4.74
C MET A 251 1.76 -34.04 4.12
N LEU A 252 1.98 -34.30 2.83
CA LEU A 252 1.31 -35.42 2.20
C LEU A 252 1.95 -36.74 2.58
N LEU A 253 3.23 -36.73 2.95
CA LEU A 253 3.91 -37.95 3.37
C LEU A 253 3.67 -38.26 4.83
N ILE A 254 3.48 -37.25 5.67
CA ILE A 254 3.11 -37.51 7.06
C ILE A 254 1.69 -38.05 7.15
N GLY A 255 0.77 -37.47 6.39
CA GLY A 255 -0.56 -38.04 6.30
C GLY A 255 -0.59 -39.38 5.61
N ALA A 256 0.46 -39.72 4.85
CA ALA A 256 0.59 -41.03 4.25
C ALA A 256 1.22 -42.03 5.19
N LEU A 257 2.03 -41.55 6.14
CA LEU A 257 2.60 -42.43 7.15
C LEU A 257 1.58 -42.80 8.22
N ALA A 258 0.67 -41.88 8.55
CA ALA A 258 -0.38 -42.19 9.50
C ALA A 258 -1.36 -43.21 8.93
N VAL A 259 -1.69 -43.09 7.65
CA VAL A 259 -2.59 -44.05 7.02
C VAL A 259 -1.95 -45.43 6.95
N ILE A 260 -0.67 -45.48 6.58
CA ILE A 260 0.04 -46.75 6.49
C ILE A 260 0.14 -47.41 7.86
N LEU A 261 0.46 -46.63 8.89
CA LEU A 261 0.54 -47.19 10.23
C LEU A 261 -0.81 -47.69 10.72
N MET A 262 -1.88 -46.92 10.47
CA MET A 262 -3.21 -47.35 10.90
C MET A 262 -3.64 -48.62 10.16
N LEU A 263 -3.33 -48.74 8.88
CA LEU A 263 -3.62 -49.98 8.17
C LEU A 263 -2.81 -51.13 8.75
N TRP A 264 -1.55 -50.88 9.11
CA TRP A 264 -0.69 -51.96 9.59
C TRP A 264 -0.93 -52.24 11.07
N MET A 265 -0.78 -51.21 11.92
CA MET A 265 -0.87 -51.43 13.36
C MET A 265 -2.25 -51.90 13.78
N ALA A 266 -3.30 -51.28 13.25
CA ALA A 266 -4.65 -51.62 13.66
C ALA A 266 -5.14 -52.91 13.05
N SER A 267 -4.40 -53.51 12.12
CA SER A 267 -4.75 -54.84 11.64
C SER A 267 -4.27 -55.94 12.58
N GLY A 268 -3.34 -55.64 13.47
CA GLY A 268 -2.88 -56.58 14.47
C GLY A 268 -3.68 -56.60 15.73
N GLY A 269 -4.75 -55.81 15.81
CA GLY A 269 -5.60 -55.79 16.98
C GLY A 269 -5.97 -54.41 17.46
N VAL A 270 -7.27 -54.16 17.60
CA VAL A 270 -7.78 -52.92 18.18
C VAL A 270 -8.35 -53.27 19.54
N GLY A 271 -7.85 -52.60 20.57
CA GLY A 271 -8.19 -53.00 21.93
C GLY A 271 -7.62 -54.37 22.23
N GLY A 272 -8.48 -55.30 22.61
CA GLY A 272 -8.04 -56.65 22.90
C GLY A 272 -8.34 -57.63 21.78
N ASN A 273 -9.05 -57.19 20.77
CA ASN A 273 -9.49 -58.07 19.69
C ASN A 273 -8.30 -58.60 18.91
N ALA A 274 -8.34 -59.90 18.58
CA ALA A 274 -7.36 -60.46 17.66
C ALA A 274 -7.64 -60.02 16.24
N GLN A 275 -8.90 -60.08 15.83
CA GLN A 275 -9.33 -59.56 14.52
C GLN A 275 -10.31 -58.42 14.75
N PRO A 276 -9.88 -57.17 14.63
CA PRO A 276 -10.78 -56.05 14.95
C PRO A 276 -12.02 -56.01 14.07
N GLY A 277 -11.91 -56.41 12.82
CA GLY A 277 -13.04 -56.39 11.92
C GLY A 277 -13.39 -54.99 11.45
N ALA A 278 -14.58 -54.52 11.82
CA ALA A 278 -15.03 -53.20 11.40
C ALA A 278 -14.22 -52.07 12.01
N LEU A 279 -13.51 -52.33 13.11
CA LEU A 279 -12.76 -51.28 13.79
C LEU A 279 -11.50 -50.88 13.06
N ILE A 280 -11.05 -51.67 12.07
CA ILE A 280 -9.85 -51.29 11.32
C ILE A 280 -10.12 -50.05 10.48
N ALA A 281 -11.30 -49.97 9.85
CA ALA A 281 -11.62 -48.83 9.01
C ALA A 281 -11.95 -47.59 9.83
N LEU A 282 -12.36 -47.76 11.08
CA LEU A 282 -12.59 -46.60 11.93
C LEU A 282 -11.31 -45.82 12.15
N PHE A 283 -10.19 -46.53 12.35
CA PHE A 283 -8.90 -45.87 12.55
C PHE A 283 -8.31 -45.37 11.24
N VAL A 284 -8.51 -46.12 10.15
CA VAL A 284 -7.95 -45.72 8.87
C VAL A 284 -8.63 -44.45 8.35
N PHE A 285 -9.97 -44.42 8.41
CA PHE A 285 -10.69 -43.24 7.94
C PHE A 285 -10.59 -42.07 8.90
N CYS A 286 -10.27 -42.33 10.17
CA CYS A 286 -9.99 -41.22 11.08
C CYS A 286 -8.58 -40.68 10.86
N ALA A 287 -7.77 -41.36 10.06
CA ALA A 287 -6.45 -40.85 9.70
C ALA A 287 -6.46 -40.18 8.34
N LEU A 288 -7.40 -40.53 7.48
CA LEU A 288 -7.54 -39.85 6.19
C LEU A 288 -8.12 -38.45 6.38
N ALA A 289 -9.15 -38.33 7.19
CA ALA A 289 -9.86 -37.06 7.36
C ALA A 289 -9.25 -36.16 8.43
N ALA A 290 -8.34 -36.67 9.25
CA ALA A 290 -7.81 -35.88 10.36
C ALA A 290 -6.71 -34.92 9.95
N PHE A 291 -6.13 -35.08 8.77
CA PHE A 291 -5.04 -34.22 8.34
C PHE A 291 -5.51 -33.03 7.53
N GLU A 292 -6.83 -32.82 7.44
CA GLU A 292 -7.35 -31.58 6.89
C GLU A 292 -7.22 -30.41 7.86
N ALA A 293 -7.06 -30.70 9.15
CA ALA A 293 -6.84 -29.64 10.13
C ALA A 293 -5.42 -29.11 10.09
N LEU A 294 -4.46 -29.94 9.68
CA LEU A 294 -3.05 -29.58 9.69
C LEU A 294 -2.58 -28.97 8.38
N ALA A 295 -3.48 -28.74 7.43
CA ALA A 295 -3.08 -28.06 6.20
C ALA A 295 -2.64 -26.61 6.44
N PRO A 296 -3.37 -25.78 7.20
CA PRO A 296 -2.95 -24.38 7.33
C PRO A 296 -1.80 -24.15 8.29
N VAL A 297 -1.41 -25.12 9.11
CA VAL A 297 -0.57 -24.83 10.27
C VAL A 297 0.83 -24.38 9.84
N THR A 298 1.36 -24.94 8.76
CA THR A 298 2.72 -24.55 8.35
C THR A 298 2.74 -23.13 7.80
N GLY A 299 1.71 -22.74 7.06
CA GLY A 299 1.60 -21.37 6.59
C GLY A 299 1.05 -20.41 7.63
N ALA A 300 0.30 -20.92 8.61
CA ALA A 300 -0.14 -20.07 9.72
C ALA A 300 1.03 -19.63 10.57
N PHE A 301 1.96 -20.54 10.85
CA PHE A 301 3.13 -20.19 11.63
C PHE A 301 4.07 -19.26 10.87
N GLN A 302 4.15 -19.42 9.55
CA GLN A 302 5.01 -18.54 8.76
C GLN A 302 4.51 -17.10 8.80
N HIS A 303 3.19 -16.91 8.75
CA HIS A 303 2.62 -15.57 8.86
C HIS A 303 2.83 -14.96 10.24
N LEU A 304 2.99 -15.78 11.27
CA LEU A 304 3.22 -15.27 12.61
C LEU A 304 4.50 -14.45 12.70
N GLY A 305 5.48 -14.76 11.85
CA GLY A 305 6.70 -13.97 11.84
C GLY A 305 6.46 -12.55 11.35
N GLN A 306 5.58 -12.39 10.37
CA GLN A 306 5.25 -11.06 9.86
C GLN A 306 4.35 -10.29 10.83
N VAL A 307 3.47 -10.99 11.54
CA VAL A 307 2.61 -10.33 12.51
C VAL A 307 3.44 -9.81 13.70
N ILE A 308 4.45 -10.56 14.11
CA ILE A 308 5.31 -10.11 15.20
C ILE A 308 6.17 -8.94 14.75
N ALA A 309 6.67 -8.98 13.50
CA ALA A 309 7.45 -7.86 12.98
C ALA A 309 6.62 -6.58 12.92
N SER A 310 5.31 -6.70 12.67
CA SER A 310 4.44 -5.53 12.71
C SER A 310 4.11 -5.12 14.13
N ALA A 311 4.03 -6.08 15.06
CA ALA A 311 3.70 -5.75 16.44
C ALA A 311 4.84 -5.06 17.16
N VAL A 312 6.08 -5.23 16.71
CA VAL A 312 7.20 -4.50 17.30
C VAL A 312 7.37 -3.13 16.67
N ARG A 313 6.91 -2.93 15.44
CA ARG A 313 6.95 -1.62 14.81
C ARG A 313 5.90 -0.70 15.40
N ILE A 314 4.69 -1.22 15.61
CA ILE A 314 3.62 -0.40 16.20
C ILE A 314 3.93 -0.10 17.65
N SER A 315 4.49 -1.07 18.38
CA SER A 315 4.89 -0.81 19.75
C SER A 315 6.08 0.13 19.85
N ASP A 316 6.85 0.27 18.78
CA ASP A 316 7.90 1.28 18.77
C ASP A 316 7.31 2.68 18.80
N LEU A 317 6.21 2.89 18.08
CA LEU A 317 5.59 4.21 18.02
C LEU A 317 4.68 4.46 19.22
N THR A 318 3.67 3.61 19.41
CA THR A 318 2.65 3.89 20.42
C THR A 318 3.22 3.85 21.83
N ASP A 319 4.26 3.04 22.07
CA ASP A 319 4.88 2.97 23.39
C ASP A 319 6.04 3.96 23.49
N GLN A 320 5.76 5.21 23.17
CA GLN A 320 6.67 6.32 23.34
C GLN A 320 6.22 7.17 24.51
N LYS A 321 6.93 8.26 24.75
CA LYS A 321 6.60 9.17 25.83
C LYS A 321 6.17 10.51 25.26
N PRO A 322 4.92 10.94 25.46
CA PRO A 322 4.53 12.27 25.01
C PRO A 322 5.33 13.34 25.74
N GLU A 323 5.69 14.38 24.99
CA GLU A 323 6.52 15.45 25.54
C GLU A 323 5.72 16.57 26.18
N VAL A 324 4.39 16.45 26.22
CA VAL A 324 3.53 17.46 26.80
C VAL A 324 2.47 16.77 27.66
N THR A 325 2.30 17.26 28.89
CA THR A 325 1.29 16.74 29.80
C THR A 325 0.27 17.82 30.10
N PHE A 326 -1.01 17.45 30.07
CA PHE A 326 -2.10 18.40 30.23
C PHE A 326 -2.81 18.17 31.55
N PRO A 327 -2.80 19.13 32.47
CA PRO A 327 -3.54 18.97 33.72
C PRO A 327 -5.03 18.89 33.47
N ASP A 328 -5.72 18.15 34.33
CA ASP A 328 -7.16 17.94 34.21
C ASP A 328 -7.87 18.87 35.18
N THR A 329 -8.08 20.11 34.75
CA THR A 329 -8.79 21.11 35.55
C THR A 329 -9.73 21.87 34.64
N GLN A 330 -11.04 21.77 34.90
CA GLN A 330 -12.05 22.44 34.09
C GLN A 330 -12.02 23.93 34.39
N THR A 331 -11.65 24.73 33.39
CA THR A 331 -11.55 26.17 33.54
C THR A 331 -12.39 26.86 32.49
N ARG A 332 -12.38 28.19 32.54
CA ARG A 332 -13.15 29.03 31.63
C ARG A 332 -12.24 29.58 30.53
N VAL A 333 -12.77 29.68 29.32
CA VAL A 333 -12.05 30.31 28.23
C VAL A 333 -12.35 31.79 28.24
N ALA A 334 -11.30 32.60 28.14
CA ALA A 334 -11.46 34.05 28.19
C ALA A 334 -11.80 34.61 26.82
N ASP A 335 -12.53 35.73 26.82
CA ASP A 335 -12.88 36.38 25.56
C ASP A 335 -11.76 37.25 25.02
N ARG A 336 -10.77 37.58 25.84
CA ARG A 336 -9.63 38.39 25.43
C ARG A 336 -8.39 37.86 26.12
N VAL A 337 -7.39 37.48 25.33
CA VAL A 337 -6.19 36.83 25.83
C VAL A 337 -4.98 37.72 25.56
N SER A 338 -4.22 38.01 26.61
CA SER A 338 -2.98 38.77 26.49
C SER A 338 -1.82 37.80 26.65
N LEU A 339 -1.01 37.66 25.60
CA LEU A 339 0.08 36.71 25.59
C LEU A 339 1.37 37.39 26.03
N THR A 340 2.05 36.79 27.01
CA THR A 340 3.33 37.29 27.49
C THR A 340 4.35 36.16 27.47
N LEU A 341 5.59 36.50 27.17
CA LEU A 341 6.68 35.53 27.12
C LEU A 341 7.89 36.11 27.84
N ARG A 342 8.75 35.22 28.35
CA ARG A 342 9.89 35.65 29.14
C ARG A 342 11.06 34.70 28.89
N ASP A 343 12.01 35.12 28.07
CA ASP A 343 13.26 34.40 27.83
C ASP A 343 12.96 32.97 27.38
N VAL A 344 12.41 32.88 26.18
CA VAL A 344 12.08 31.59 25.57
C VAL A 344 12.55 31.62 24.12
N GLN A 345 13.07 30.49 23.66
CA GLN A 345 13.64 30.40 22.32
C GLN A 345 12.54 30.26 21.27
N GLY A 358 17.13 33.81 25.15
CA GLY A 358 16.06 33.64 24.19
C GLY A 358 15.42 34.96 23.78
N ILE A 359 14.12 34.93 23.55
CA ILE A 359 13.36 36.11 23.16
C ILE A 359 12.23 36.33 24.15
N SER A 360 11.88 37.59 24.38
CA SER A 360 10.79 37.96 25.26
C SER A 360 9.96 39.03 24.56
N LEU A 361 8.64 38.97 24.72
CA LEU A 361 7.76 39.93 24.08
C LEU A 361 6.46 40.03 24.88
N GLN A 362 5.72 41.09 24.59
CA GLN A 362 4.44 41.38 25.23
C GLN A 362 3.39 41.56 24.15
N VAL A 363 2.29 40.84 24.26
CA VAL A 363 1.19 40.91 23.30
C VAL A 363 -0.06 41.23 24.10
N ASN A 364 -0.37 42.52 24.20
CA ASN A 364 -1.57 42.99 24.95
C ASN A 364 -2.84 42.61 24.17
N ALA A 365 -3.95 42.46 24.88
CA ALA A 365 -5.20 42.04 24.27
C ALA A 365 -5.64 43.05 23.21
N GLY A 366 -6.08 42.53 22.06
CA GLY A 366 -6.64 43.32 21.00
C GLY A 366 -5.65 43.90 20.01
N GLU A 367 -4.37 43.57 20.11
CA GLU A 367 -3.36 44.15 19.22
C GLU A 367 -2.75 43.08 18.32
N HIS A 368 -2.33 43.51 17.13
CA HIS A 368 -1.83 42.62 16.10
C HIS A 368 -0.31 42.74 15.99
N ILE A 369 0.39 41.67 16.38
CA ILE A 369 1.84 41.65 16.33
C ILE A 369 2.27 40.93 15.05
N ALA A 370 3.50 41.20 14.61
CA ALA A 370 4.06 40.55 13.43
C ALA A 370 5.53 40.28 13.70
N ILE A 371 5.90 39.00 13.71
CA ILE A 371 7.29 38.59 13.92
C ILE A 371 7.92 38.35 12.55
N LEU A 372 8.96 39.12 12.24
CA LEU A 372 9.50 39.18 10.89
C LEU A 372 10.89 38.55 10.90
N GLY A 373 10.98 37.31 10.41
CA GLY A 373 12.23 36.58 10.37
C GLY A 373 12.81 36.46 8.97
N ARG A 374 14.05 35.98 8.91
CA ARG A 374 14.84 36.02 7.68
C ARG A 374 14.71 34.70 6.92
N THR A 375 13.60 34.58 6.20
CA THR A 375 13.40 33.54 5.17
C THR A 375 13.79 32.15 5.67
N GLY A 376 13.03 31.64 6.65
CA GLY A 376 13.18 30.27 7.08
C GLY A 376 14.43 29.97 7.88
N CYS A 377 15.41 30.86 7.90
CA CYS A 377 16.61 30.62 8.71
C CYS A 377 16.25 30.56 10.19
N GLY A 378 15.38 31.45 10.65
CA GLY A 378 14.88 31.35 12.01
C GLY A 378 14.06 30.11 12.23
N LYS A 379 13.24 29.73 11.23
CA LYS A 379 12.34 28.52 11.26
C LYS A 379 11.59 28.54 12.60
N SER A 380 10.72 29.54 12.76
CA SER A 380 10.14 29.86 14.06
C SER A 380 9.42 28.66 14.66
N THR A 381 10.01 28.13 15.73
CA THR A 381 9.35 27.15 16.58
C THR A 381 8.56 27.80 17.69
N LEU A 382 8.39 29.12 17.64
CA LEU A 382 7.59 29.81 18.64
C LEU A 382 6.14 29.38 18.58
N LEU A 383 5.60 29.21 17.37
CA LEU A 383 4.20 28.83 17.25
C LEU A 383 3.97 27.38 17.64
N GLN A 384 4.99 26.53 17.51
CA GLN A 384 4.84 25.14 17.91
C GLN A 384 4.75 25.02 19.42
N GLN A 385 5.64 25.68 20.15
CA GLN A 385 5.62 25.62 21.60
C GLN A 385 4.60 26.55 22.22
N LEU A 386 3.91 27.36 21.40
CA LEU A 386 2.82 28.18 21.89
C LEU A 386 1.48 27.47 21.83
N THR A 387 1.36 26.44 21.00
CA THR A 387 0.24 25.52 21.02
C THR A 387 0.58 24.24 21.79
N ARG A 388 1.72 24.22 22.48
CA ARG A 388 2.15 23.09 23.31
C ARG A 388 2.47 21.85 22.48
N ALA A 389 3.23 22.05 21.40
CA ALA A 389 3.81 20.90 20.72
C ALA A 389 4.94 20.30 21.52
N TRP A 390 5.73 21.14 22.19
CA TRP A 390 6.70 20.68 23.17
C TRP A 390 6.83 21.74 24.26
N ASP A 391 7.15 21.29 25.46
CA ASP A 391 7.33 22.21 26.57
C ASP A 391 8.58 23.06 26.37
N PRO A 392 8.51 24.36 26.67
CA PRO A 392 9.70 25.22 26.53
C PRO A 392 10.58 25.13 27.77
N GLN A 393 11.82 24.66 27.58
CA GLN A 393 12.76 24.60 28.69
C GLN A 393 13.44 25.94 28.96
N GLN A 394 13.42 26.84 27.99
CA GLN A 394 14.15 28.11 28.13
C GLN A 394 13.57 28.96 29.24
N GLY A 395 12.27 29.19 29.21
CA GLY A 395 11.64 30.08 30.18
C GLY A 395 10.18 29.75 30.43
N GLU A 396 9.34 30.79 30.50
CA GLU A 396 7.93 30.63 30.79
C GLU A 396 7.09 31.34 29.74
N ILE A 397 5.99 30.71 29.35
CA ILE A 397 5.02 31.28 28.43
C ILE A 397 3.71 31.44 29.19
N LEU A 398 3.32 32.67 29.44
CA LEU A 398 2.11 32.97 30.20
C LEU A 398 0.99 33.36 29.24
N LEU A 399 -0.19 32.77 29.45
CA LEU A 399 -1.34 33.00 28.60
C LEU A 399 -2.44 33.63 29.44
N ASN A 400 -2.55 34.97 29.35
CA ASN A 400 -3.54 35.73 30.10
C ASN A 400 -3.33 35.60 31.61
N ASP A 401 -2.13 35.94 32.05
CA ASP A 401 -1.76 35.95 33.47
C ASP A 401 -1.96 34.58 34.11
N SER A 402 -1.56 33.52 33.40
CA SER A 402 -1.59 32.17 33.91
C SER A 402 -0.68 31.34 33.02
N PRO A 403 0.24 30.58 33.59
CA PRO A 403 1.18 29.81 32.75
C PRO A 403 0.44 28.86 31.83
N ILE A 404 0.94 28.73 30.61
CA ILE A 404 0.26 27.94 29.59
C ILE A 404 0.24 26.46 29.96
N ALA A 405 1.20 25.99 30.76
CA ALA A 405 1.24 24.59 31.14
C ALA A 405 0.13 24.22 32.11
N SER A 406 -0.56 25.21 32.68
CA SER A 406 -1.64 24.97 33.62
C SER A 406 -3.02 25.00 32.97
N LEU A 407 -3.08 24.94 31.64
CA LEU A 407 -4.34 25.07 30.92
C LEU A 407 -4.78 23.71 30.38
N ASN A 408 -6.02 23.34 30.66
CA ASN A 408 -6.56 22.08 30.17
C ASN A 408 -6.61 22.07 28.65
N GLU A 409 -6.38 20.90 28.06
CA GLU A 409 -6.30 20.80 26.61
C GLU A 409 -7.61 21.21 25.95
N ALA A 410 -8.74 20.76 26.50
CA ALA A 410 -10.02 21.16 25.94
C ALA A 410 -10.26 22.66 26.07
N ALA A 411 -9.52 23.34 26.94
CA ALA A 411 -9.58 24.79 27.04
C ALA A 411 -8.42 25.47 26.33
N LEU A 412 -7.25 24.84 26.27
CA LEU A 412 -6.15 25.41 25.51
C LEU A 412 -6.45 25.40 24.02
N ARG A 413 -7.03 24.32 23.51
CA ARG A 413 -7.38 24.24 22.10
C ARG A 413 -8.48 25.22 21.72
N GLN A 414 -9.18 25.80 22.69
CA GLN A 414 -10.25 26.74 22.43
C GLN A 414 -9.79 28.19 22.48
N THR A 415 -8.69 28.49 23.16
CA THR A 415 -8.19 29.85 23.29
C THR A 415 -7.08 30.17 22.30
N ILE A 416 -6.75 29.25 21.40
CA ILE A 416 -5.68 29.45 20.42
C ILE A 416 -6.13 28.79 19.12
N SER A 417 -6.34 29.59 18.09
CA SER A 417 -6.69 29.08 16.76
C SER A 417 -5.54 29.42 15.82
N VAL A 418 -4.80 28.41 15.40
CA VAL A 418 -3.61 28.59 14.58
C VAL A 418 -3.92 28.12 13.16
N VAL A 419 -3.52 28.92 12.18
CA VAL A 419 -3.49 28.50 10.78
C VAL A 419 -2.09 28.01 10.48
N PRO A 420 -1.91 26.77 10.03
CA PRO A 420 -0.56 26.24 9.85
C PRO A 420 0.00 26.56 8.47
N GLN A 421 1.32 26.37 8.35
CA GLN A 421 2.02 26.54 7.06
C GLN A 421 1.52 25.42 6.14
N ARG A 422 1.46 24.21 6.68
CA ARG A 422 0.95 23.02 5.92
C ARG A 422 -0.48 22.77 6.36
N VAL A 423 -1.45 23.25 5.57
CA VAL A 423 -2.86 23.08 5.85
C VAL A 423 -3.36 21.81 5.18
N HIS A 424 -4.13 21.01 5.92
CA HIS A 424 -4.48 19.66 5.52
C HIS A 424 -5.89 19.61 4.97
N LEU A 425 -6.06 18.92 3.85
CA LEU A 425 -7.35 18.74 3.21
C LEU A 425 -7.82 17.31 3.45
N PHE A 426 -8.90 17.17 4.22
CA PHE A 426 -9.22 15.89 4.86
C PHE A 426 -10.02 14.94 3.99
N SER A 427 -9.93 15.06 2.66
CA SER A 427 -10.50 14.06 1.75
C SER A 427 -11.95 13.75 2.09
N ALA A 428 -12.70 14.78 2.46
CA ALA A 428 -14.10 14.63 2.81
C ALA A 428 -14.91 15.75 2.19
N THR A 429 -16.18 15.87 2.58
CA THR A 429 -17.01 16.93 2.05
C THR A 429 -16.48 18.29 2.49
N LEU A 430 -16.80 19.31 1.70
CA LEU A 430 -16.39 20.67 2.07
C LEU A 430 -17.03 21.10 3.38
N ARG A 431 -18.16 20.51 3.74
CA ARG A 431 -18.75 20.78 5.05
C ARG A 431 -17.92 20.15 6.16
N ASP A 432 -17.46 18.92 5.96
CA ASP A 432 -16.67 18.24 6.99
C ASP A 432 -15.29 18.84 7.14
N ASN A 433 -14.81 19.60 6.16
CA ASN A 433 -13.55 20.32 6.30
C ASN A 433 -13.71 21.64 7.02
N LEU A 434 -14.94 22.02 7.38
CA LEU A 434 -15.17 23.26 8.10
C LEU A 434 -15.92 23.07 9.42
N LEU A 435 -16.68 21.98 9.58
CA LEU A 435 -17.08 21.58 10.93
C LEU A 435 -15.90 21.09 11.75
N LEU A 436 -14.76 20.84 11.11
CA LEU A 436 -13.54 20.54 11.83
C LEU A 436 -13.20 21.65 12.82
N ALA A 437 -13.43 22.90 12.43
CA ALA A 437 -13.15 24.03 13.30
C ALA A 437 -14.23 24.19 14.37
N SER A 438 -15.45 24.45 13.94
CA SER A 438 -16.60 24.59 14.85
C SER A 438 -17.63 23.53 14.51
N PRO A 439 -17.68 22.42 15.24
CA PRO A 439 -18.61 21.33 14.87
C PRO A 439 -20.06 21.73 14.90
N GLY A 440 -20.47 22.59 15.83
CA GLY A 440 -21.86 22.95 15.97
C GLY A 440 -22.36 24.05 15.06
N SER A 441 -21.51 24.58 14.19
CA SER A 441 -21.91 25.67 13.32
C SER A 441 -23.00 25.21 12.34
N SER A 442 -23.96 26.10 12.08
CA SER A 442 -25.07 25.75 11.14
C SER A 442 -24.59 25.82 9.69
N ASP A 443 -25.29 25.16 8.78
CA ASP A 443 -24.88 25.13 7.36
C ASP A 443 -24.90 26.56 6.80
N GLU A 444 -25.95 27.34 7.13
CA GLU A 444 -26.03 28.74 6.65
C GLU A 444 -24.87 29.55 7.25
N ALA A 445 -24.59 29.37 8.54
CA ALA A 445 -23.51 30.12 9.23
C ALA A 445 -22.15 29.68 8.68
N LEU A 446 -22.09 28.51 8.03
CA LEU A 446 -20.86 28.02 7.43
C LEU A 446 -20.71 28.47 5.99
N SER A 447 -21.83 28.72 5.29
CA SER A 447 -21.75 29.24 3.93
C SER A 447 -21.41 30.72 3.92
N GLU A 448 -21.77 31.46 4.96
CA GLU A 448 -21.41 32.87 5.04
C GLU A 448 -19.91 33.06 5.14
N ILE A 449 -19.24 32.23 5.95
CA ILE A 449 -17.79 32.34 6.11
C ILE A 449 -17.08 32.01 4.80
N LEU A 450 -17.56 30.97 4.10
CA LEU A 450 -16.92 30.59 2.84
C LEU A 450 -17.01 31.70 1.81
N ARG A 451 -18.16 32.38 1.73
CA ARG A 451 -18.30 33.52 0.83
C ARG A 451 -17.50 34.73 1.32
N ARG A 452 -17.26 34.82 2.62
CA ARG A 452 -16.60 35.98 3.22
C ARG A 452 -15.09 35.94 3.11
N VAL A 453 -14.49 34.80 2.75
CA VAL A 453 -13.05 34.66 2.69
C VAL A 453 -12.56 34.50 1.25
N GLY A 454 -13.39 34.89 0.28
CA GLY A 454 -13.02 34.75 -1.11
C GLY A 454 -13.23 33.37 -1.70
N LEU A 455 -13.77 32.43 -0.93
CA LEU A 455 -14.01 31.07 -1.41
C LEU A 455 -15.46 31.00 -1.88
N GLU A 456 -15.70 31.61 -3.05
CA GLU A 456 -17.06 31.62 -3.65
C GLU A 456 -17.12 30.50 -4.70
N LYS A 457 -16.02 30.30 -5.44
CA LYS A 457 -16.02 29.30 -6.50
C LYS A 457 -16.29 27.89 -5.98
N LEU A 458 -16.17 27.66 -4.68
CA LEU A 458 -16.42 26.33 -4.13
C LEU A 458 -17.91 26.02 -4.05
N LEU A 459 -18.75 27.00 -3.75
CA LEU A 459 -20.18 26.78 -3.60
C LEU A 459 -20.92 26.68 -4.92
N GLU A 460 -20.21 26.55 -6.04
CA GLU A 460 -20.85 26.60 -7.35
C GLU A 460 -21.84 25.45 -7.53
N ASP A 461 -21.34 24.22 -7.54
CA ASP A 461 -22.15 23.05 -7.85
C ASP A 461 -22.04 22.04 -6.71
N ALA A 462 -23.04 22.00 -5.85
CA ALA A 462 -23.09 21.09 -4.70
C ALA A 462 -21.80 21.19 -3.88
N GLY A 463 -21.38 22.43 -3.61
CA GLY A 463 -20.09 22.64 -3.00
C GLY A 463 -19.97 22.03 -1.61
N LEU A 464 -20.94 22.31 -0.75
CA LEU A 464 -20.82 21.85 0.64
C LEU A 464 -20.93 20.34 0.74
N ASN A 465 -21.44 19.69 -0.29
CA ASN A 465 -21.40 18.23 -0.37
C ASN A 465 -20.30 17.72 -1.30
N SER A 466 -19.53 18.62 -1.92
CA SER A 466 -18.51 18.21 -2.86
C SER A 466 -17.34 17.57 -2.14
N TRP A 467 -16.89 16.43 -2.63
CA TRP A 467 -15.76 15.74 -2.03
C TRP A 467 -14.48 16.51 -2.29
N LEU A 468 -13.70 16.76 -1.24
CA LEU A 468 -12.41 17.41 -1.33
C LEU A 468 -11.30 16.38 -1.16
N GLY A 469 -10.06 16.86 -1.19
CA GLY A 469 -8.92 16.02 -0.92
C GLY A 469 -8.67 14.91 -1.92
N GLU A 470 -8.60 13.67 -1.43
CA GLU A 470 -8.18 12.56 -2.27
C GLU A 470 -9.20 12.23 -3.35
N GLY A 471 -10.49 12.24 -3.00
CA GLY A 471 -11.51 11.83 -3.95
C GLY A 471 -11.59 12.74 -5.16
N GLY A 472 -11.50 14.04 -4.95
CA GLY A 472 -11.58 14.98 -6.04
C GLY A 472 -11.59 16.41 -5.52
N ARG A 473 -11.70 17.35 -6.45
CA ARG A 473 -11.73 18.77 -6.14
C ARG A 473 -10.53 19.17 -5.28
N GLN A 474 -9.35 18.99 -5.84
CA GLN A 474 -8.13 19.41 -5.17
C GLN A 474 -8.01 20.92 -5.22
N LEU A 475 -7.71 21.53 -4.06
CA LEU A 475 -7.68 22.98 -3.93
C LEU A 475 -6.31 23.53 -4.29
N SER A 476 -6.31 24.74 -4.83
CA SER A 476 -5.07 25.41 -5.21
C SER A 476 -4.44 26.11 -4.01
N GLY A 477 -3.17 26.48 -4.17
CA GLY A 477 -2.43 27.03 -3.04
C GLY A 477 -3.06 28.28 -2.47
N GLY A 478 -3.52 29.19 -3.33
CA GLY A 478 -4.23 30.36 -2.84
C GLY A 478 -5.57 30.01 -2.24
N GLU A 479 -6.30 29.08 -2.85
CA GLU A 479 -7.58 28.65 -2.30
C GLU A 479 -7.40 27.83 -1.03
N LEU A 480 -6.33 27.03 -0.96
CA LEU A 480 -6.12 26.17 0.20
C LEU A 480 -5.66 26.98 1.40
N ARG A 481 -5.09 28.16 1.18
CA ARG A 481 -4.78 29.08 2.27
C ARG A 481 -6.03 29.80 2.77
N ARG A 482 -6.97 30.14 1.89
CA ARG A 482 -8.20 30.77 2.33
C ARG A 482 -9.07 29.82 3.13
N LEU A 483 -8.86 28.50 3.00
CA LEU A 483 -9.60 27.54 3.80
C LEU A 483 -9.08 27.48 5.23
N ALA A 484 -7.76 27.60 5.40
CA ALA A 484 -7.20 27.63 6.74
C ALA A 484 -7.70 28.83 7.53
N ILE A 485 -7.79 29.99 6.86
CA ILE A 485 -8.35 31.17 7.52
C ILE A 485 -9.83 30.99 7.78
N ALA A 486 -10.54 30.27 6.91
CA ALA A 486 -11.95 29.98 7.15
C ALA A 486 -12.13 29.13 8.40
N ARG A 487 -11.24 28.15 8.61
CA ARG A 487 -11.30 27.35 9.83
C ARG A 487 -11.02 28.20 11.06
N ALA A 488 -10.02 29.08 10.98
CA ALA A 488 -9.70 29.93 12.13
C ALA A 488 -10.82 30.92 12.42
N LEU A 489 -11.57 31.33 11.40
CA LEU A 489 -12.67 32.27 11.61
C LEU A 489 -13.87 31.59 12.24
N LEU A 490 -14.14 30.34 11.86
CA LEU A 490 -15.22 29.59 12.49
C LEU A 490 -14.87 29.20 13.92
N HIS A 491 -13.64 28.74 14.12
CA HIS A 491 -13.15 28.36 15.44
C HIS A 491 -12.75 29.63 16.18
N ASP A 492 -13.74 30.29 16.77
CA ASP A 492 -13.51 31.57 17.44
C ASP A 492 -12.59 31.40 18.64
N ALA A 493 -11.35 31.89 18.50
CA ALA A 493 -10.40 31.92 19.60
C ALA A 493 -9.86 33.32 19.76
N PRO A 494 -9.75 33.83 20.98
CA PRO A 494 -9.26 35.20 21.19
C PRO A 494 -7.83 35.41 20.74
N LEU A 495 -7.04 34.36 20.58
CA LEU A 495 -5.67 34.47 20.11
C LEU A 495 -5.51 33.64 18.84
N VAL A 496 -5.05 34.27 17.77
CA VAL A 496 -4.89 33.63 16.47
C VAL A 496 -3.40 33.62 16.13
N LEU A 497 -2.89 32.47 15.72
CA LEU A 497 -1.49 32.32 15.36
C LEU A 497 -1.38 32.10 13.87
N LEU A 498 -0.92 33.11 13.15
CA LEU A 498 -0.75 33.05 11.71
C LEU A 498 0.66 32.55 11.41
N ASP A 499 0.77 31.32 10.91
CA ASP A 499 2.07 30.70 10.62
C ASP A 499 2.39 30.92 9.15
N GLU A 500 3.21 31.93 8.87
CA GLU A 500 3.70 32.22 7.53
C GLU A 500 2.59 32.32 6.49
N PRO A 501 1.61 33.20 6.69
CA PRO A 501 0.58 33.38 5.67
C PRO A 501 1.12 34.15 4.49
N THR A 502 0.46 33.98 3.34
CA THR A 502 0.80 34.66 2.10
C THR A 502 2.23 34.34 1.64
N GLU A 503 2.70 33.13 1.92
CA GLU A 503 3.96 32.64 1.40
C GLU A 503 3.70 31.79 0.16
N GLY A 504 4.40 32.10 -0.92
CA GLY A 504 4.14 31.41 -2.16
C GLY A 504 2.85 31.82 -2.85
N LEU A 505 2.34 33.00 -2.52
CA LEU A 505 1.08 33.51 -3.06
C LEU A 505 1.36 34.72 -3.94
N ASP A 506 0.62 34.82 -5.05
CA ASP A 506 0.80 35.93 -5.96
C ASP A 506 0.41 37.24 -5.29
N ALA A 507 0.95 38.34 -5.85
CA ALA A 507 0.77 39.65 -5.23
C ALA A 507 -0.69 40.08 -5.18
N THR A 508 -1.54 39.57 -6.07
CA THR A 508 -2.96 39.89 -6.02
C THR A 508 -3.63 39.19 -4.85
N THR A 509 -3.33 37.90 -4.66
CA THR A 509 -3.94 37.15 -3.57
C THR A 509 -3.37 37.60 -2.22
N GLU A 510 -2.07 37.85 -2.16
CA GLU A 510 -1.45 38.24 -0.90
C GLU A 510 -2.07 39.52 -0.34
N SER A 511 -2.32 40.49 -1.21
CA SER A 511 -2.99 41.71 -0.77
C SER A 511 -4.43 41.44 -0.36
N GLN A 512 -5.07 40.44 -0.95
CA GLN A 512 -6.45 40.12 -0.61
C GLN A 512 -6.56 39.38 0.71
N ILE A 513 -5.52 38.67 1.12
CA ILE A 513 -5.56 37.91 2.36
C ILE A 513 -5.10 38.74 3.55
N LEU A 514 -4.09 39.59 3.36
CA LEU A 514 -3.72 40.53 4.42
C LEU A 514 -4.89 41.46 4.75
N GLU A 515 -5.71 41.79 3.74
CA GLU A 515 -6.92 42.56 4.00
C GLU A 515 -7.98 41.70 4.68
N LEU A 516 -7.96 40.39 4.41
CA LEU A 516 -8.88 39.47 5.06
C LEU A 516 -8.63 39.41 6.56
N LEU A 517 -7.36 39.43 6.97
CA LEU A 517 -7.02 39.37 8.38
C LEU A 517 -7.42 40.64 9.10
N ALA A 518 -7.13 41.79 8.51
CA ALA A 518 -7.27 43.06 9.23
C ALA A 518 -8.72 43.39 9.55
N GLU A 519 -9.66 42.96 8.71
CA GLU A 519 -11.06 43.33 8.91
C GLU A 519 -11.87 42.26 9.62
N MET A 520 -11.38 41.03 9.70
CA MET A 520 -12.10 39.95 10.36
C MET A 520 -11.43 39.42 11.62
N MET A 521 -10.12 39.62 11.79
CA MET A 521 -9.45 39.42 13.06
C MET A 521 -9.33 40.71 13.85
N ARG A 522 -10.28 41.63 13.68
CA ARG A 522 -10.14 42.98 14.22
C ARG A 522 -10.11 42.96 15.75
N GLU A 523 -10.93 42.13 16.37
CA GLU A 523 -11.04 42.07 17.82
C GLU A 523 -10.25 40.91 18.43
N LYS A 524 -9.43 40.23 17.64
CA LYS A 524 -8.66 39.09 18.11
C LYS A 524 -7.17 39.40 18.03
N THR A 525 -6.44 39.06 19.10
CA THR A 525 -4.99 39.16 19.07
C THR A 525 -4.46 38.17 18.03
N VAL A 526 -3.55 38.65 17.18
CA VAL A 526 -2.90 37.75 16.23
C VAL A 526 -1.41 37.77 16.51
N LEU A 527 -0.73 36.73 16.03
CA LEU A 527 0.72 36.63 16.14
C LEU A 527 1.21 36.05 14.82
N MET A 528 1.54 36.93 13.89
CA MET A 528 1.90 36.57 12.54
C MET A 528 3.42 36.52 12.41
N VAL A 529 3.93 35.43 11.83
CA VAL A 529 5.35 35.29 11.54
C VAL A 529 5.52 35.19 10.04
N THR A 530 6.39 36.01 9.48
CA THR A 530 6.63 36.03 8.05
C THR A 530 8.07 36.43 7.75
N HIS A 531 8.43 36.32 6.47
CA HIS A 531 9.62 36.93 5.92
C HIS A 531 9.29 37.91 4.79
N ARG A 532 8.06 38.44 4.77
CA ARG A 532 7.61 39.34 3.73
C ARG A 532 7.17 40.66 4.35
N LEU A 533 7.54 41.77 3.71
CA LEU A 533 7.32 43.10 4.24
C LEU A 533 5.98 43.70 3.83
N ARG A 534 5.13 42.97 3.13
CA ARG A 534 3.91 43.54 2.57
C ARG A 534 2.84 43.67 3.65
N GLY A 535 2.24 44.85 3.73
CA GLY A 535 1.11 45.07 4.61
C GLY A 535 1.42 45.00 6.09
N LEU A 536 2.62 45.39 6.51
CA LEU A 536 2.97 45.43 7.92
C LEU A 536 2.67 46.78 8.56
N SER A 537 2.23 47.77 7.78
CA SER A 537 1.87 49.06 8.37
C SER A 537 0.62 48.93 9.25
N ARG A 538 -0.24 47.97 8.96
CA ARG A 538 -1.45 47.76 9.74
C ARG A 538 -1.22 46.96 11.01
N PHE A 539 0.00 46.48 11.23
CA PHE A 539 0.35 45.74 12.44
C PHE A 539 1.07 46.67 13.39
N GLN A 540 0.56 46.79 14.62
CA GLN A 540 1.23 47.55 15.66
C GLN A 540 2.23 46.66 16.38
N GLN A 541 3.39 47.23 16.72
CA GLN A 541 4.50 46.50 17.35
C GLN A 541 4.98 45.37 16.45
N ILE A 542 5.50 45.76 15.28
CA ILE A 542 6.22 44.83 14.44
C ILE A 542 7.48 44.38 15.18
N ILE A 543 7.80 43.10 15.07
CA ILE A 543 8.97 42.52 15.70
C ILE A 543 9.84 41.89 14.61
N VAL A 544 11.09 42.33 14.55
CA VAL A 544 12.05 41.79 13.58
C VAL A 544 13.19 41.12 14.36
N MET A 545 13.51 39.89 13.98
CA MET A 545 14.48 39.10 14.72
C MET A 545 15.28 38.25 13.76
N ASP A 546 16.42 37.76 14.24
CA ASP A 546 17.29 36.89 13.45
C ASP A 546 17.96 35.87 14.35
N ASN A 547 17.88 34.61 13.95
CA ASN A 547 18.50 33.50 14.70
C ASN A 547 18.03 33.48 16.16
N GLY A 548 16.73 33.69 16.37
CA GLY A 548 16.17 33.66 17.70
C GLY A 548 16.64 34.75 18.63
N GLN A 549 16.74 35.98 18.13
CA GLN A 549 17.15 37.12 18.94
C GLN A 549 16.49 38.39 18.40
N ILE A 550 15.81 39.11 19.28
CA ILE A 550 15.08 40.30 18.86
C ILE A 550 16.07 41.42 18.57
N ILE A 551 16.13 41.85 17.31
CA ILE A 551 17.00 42.97 16.95
C ILE A 551 16.38 44.29 17.37
N GLU A 552 15.13 44.52 16.97
CA GLU A 552 14.41 45.73 17.34
C GLU A 552 12.93 45.47 17.17
N GLN A 553 12.12 46.42 17.61
CA GLN A 553 10.67 46.29 17.51
C GLN A 553 10.05 47.68 17.57
N GLY A 554 8.74 47.72 17.29
CA GLY A 554 8.01 48.97 17.28
C GLY A 554 7.06 49.08 16.11
N THR A 555 6.31 50.18 16.06
CA THR A 555 5.36 50.38 14.97
C THR A 555 6.11 50.56 13.66
N HIS A 556 5.39 50.36 12.54
CA HIS A 556 6.00 50.47 11.22
C HIS A 556 6.66 51.83 11.03
N ALA A 557 5.95 52.90 11.37
CA ALA A 557 6.54 54.24 11.27
C ALA A 557 7.73 54.39 12.20
N GLU A 558 7.62 53.87 13.42
CA GLU A 558 8.70 54.02 14.39
C GLU A 558 9.95 53.26 13.99
N LEU A 559 9.80 52.14 13.28
CA LEU A 559 10.97 51.43 12.79
C LEU A 559 11.62 52.16 11.61
N LEU A 560 10.80 52.71 10.71
CA LEU A 560 11.34 53.47 9.59
C LEU A 560 12.05 54.73 10.08
N ALA A 561 11.46 55.42 11.05
CA ALA A 561 12.08 56.64 11.57
C ALA A 561 13.35 56.33 12.36
N ARG A 562 13.41 55.16 12.99
CA ARG A 562 14.59 54.76 13.75
C ARG A 562 15.81 54.52 12.86
N GLN A 563 15.55 54.35 11.55
CA GLN A 563 16.61 54.10 10.54
C GLN A 563 17.45 52.91 11.01
N GLY A 564 16.77 51.85 11.46
CA GLY A 564 17.38 50.62 11.92
C GLY A 564 17.43 49.54 10.87
N ARG A 565 17.46 48.29 11.34
CA ARG A 565 17.55 47.15 10.43
C ARG A 565 16.30 47.07 9.54
N TYR A 566 15.13 47.32 10.10
CA TYR A 566 13.90 47.28 9.30
C TYR A 566 13.92 48.33 8.20
N TYR A 567 14.64 49.44 8.40
CA TYR A 567 14.80 50.42 7.35
C TYR A 567 15.62 49.85 6.20
N GLN A 568 16.65 49.06 6.51
CA GLN A 568 17.45 48.43 5.47
C GLN A 568 16.61 47.42 4.68
N PHE A 569 15.68 46.74 5.34
CA PHE A 569 14.84 45.77 4.66
C PHE A 569 13.99 46.43 3.59
N LYS A 570 13.48 47.64 3.87
CA LYS A 570 12.67 48.36 2.90
C LYS A 570 13.50 49.10 1.87
N GLN A 571 14.83 49.13 2.02
CA GLN A 571 15.71 49.85 1.10
C GLN A 571 16.41 48.82 0.21
N GLY A 572 15.88 48.65 -1.00
CA GLY A 572 16.49 47.74 -1.95
C GLY A 572 16.40 46.30 -1.52
N LEU A 573 17.33 45.49 -2.03
CA LEU A 573 17.40 44.08 -1.68
C LEU A 573 18.76 43.50 -2.06
N LYS B 3 -21.70 -7.91 -18.54
CA LYS B 3 -20.72 -6.85 -18.80
C LYS B 3 -20.22 -6.23 -17.50
N SER B 4 -20.27 -7.01 -16.42
CA SER B 4 -19.82 -6.52 -15.12
C SER B 4 -18.30 -6.39 -15.11
N ARG B 5 -17.80 -5.53 -14.21
CA ARG B 5 -16.37 -5.28 -14.15
C ARG B 5 -15.62 -6.50 -13.64
N GLN B 6 -16.27 -7.26 -12.76
CA GLN B 6 -15.67 -8.50 -12.19
C GLN B 6 -15.29 -9.44 -13.33
N LYS B 7 -16.18 -9.60 -14.32
CA LYS B 7 -15.93 -10.49 -15.44
C LYS B 7 -15.04 -9.86 -16.49
N GLU B 8 -14.95 -8.53 -16.54
CA GLU B 8 -14.05 -7.88 -17.49
C GLU B 8 -12.61 -7.95 -17.02
N LEU B 9 -12.38 -7.88 -15.70
CA LEU B 9 -11.02 -7.95 -15.18
C LEU B 9 -10.50 -9.38 -15.20
N THR B 10 -11.37 -10.36 -14.95
CA THR B 10 -10.97 -11.76 -15.07
C THR B 10 -10.65 -12.10 -16.53
N ARG B 11 -11.36 -11.45 -17.45
CA ARG B 11 -11.11 -11.65 -18.89
C ARG B 11 -9.74 -11.04 -19.23
N TRP B 12 -9.33 -10.01 -18.49
CA TRP B 12 -8.01 -9.41 -18.70
C TRP B 12 -6.92 -10.28 -18.10
N LEU B 13 -7.18 -10.90 -16.95
CA LEU B 13 -6.17 -11.71 -16.29
C LEU B 13 -5.80 -12.93 -17.11
N LYS B 14 -6.77 -13.51 -17.82
CA LYS B 14 -6.50 -14.70 -18.63
C LYS B 14 -5.65 -14.37 -19.84
N GLN B 15 -5.83 -13.18 -20.43
CA GLN B 15 -5.03 -12.82 -21.61
C GLN B 15 -3.56 -12.69 -21.28
N GLN B 16 -3.23 -12.36 -20.03
CA GLN B 16 -1.84 -12.31 -19.61
C GLN B 16 -1.25 -13.69 -19.33
N SER B 17 -2.08 -14.73 -19.30
CA SER B 17 -1.62 -16.06 -18.97
C SER B 17 -1.05 -16.82 -20.17
N VAL B 18 -1.20 -16.30 -21.38
CA VAL B 18 -0.59 -16.93 -22.55
C VAL B 18 0.91 -16.77 -22.55
N ILE B 19 1.45 -15.88 -21.71
CA ILE B 19 2.89 -15.76 -21.55
C ILE B 19 3.47 -17.04 -20.96
N SER B 20 2.79 -17.60 -19.95
CA SER B 20 3.19 -18.83 -19.29
C SER B 20 2.27 -19.98 -19.66
N GLN B 21 1.85 -20.04 -20.92
CA GLN B 21 0.94 -21.09 -21.36
C GLN B 21 1.58 -22.47 -21.29
N ARG B 22 2.90 -22.55 -21.50
CA ARG B 22 3.58 -23.84 -21.35
C ARG B 22 3.60 -24.28 -19.90
N TRP B 23 3.79 -23.34 -18.97
CA TRP B 23 3.85 -23.69 -17.56
C TRP B 23 2.49 -24.04 -17.00
N LEU B 24 1.43 -23.42 -17.52
CA LEU B 24 0.08 -23.79 -17.12
C LEU B 24 -0.38 -25.08 -17.78
N ASN B 25 0.20 -25.44 -18.93
CA ASN B 25 -0.13 -26.72 -19.55
C ASN B 25 0.51 -27.88 -18.81
N ILE B 26 1.77 -27.72 -18.41
CA ILE B 26 2.44 -28.75 -17.62
C ILE B 26 1.72 -28.93 -16.29
N SER B 27 1.34 -27.83 -15.65
CA SER B 27 0.62 -27.91 -14.39
C SER B 27 -0.75 -28.57 -14.57
N ARG B 28 -1.38 -28.37 -15.72
CA ARG B 28 -2.65 -29.01 -16.01
C ARG B 28 -2.48 -30.49 -16.32
N LEU B 29 -1.31 -30.89 -16.82
CA LEU B 29 -1.03 -32.30 -17.06
C LEU B 29 -0.69 -33.02 -15.76
N LEU B 30 0.03 -32.36 -14.86
CA LEU B 30 0.35 -32.99 -13.57
C LEU B 30 -0.88 -33.09 -12.68
N GLY B 31 -1.84 -32.20 -12.86
CA GLY B 31 -3.11 -32.33 -12.15
C GLY B 31 -3.93 -33.51 -12.61
N PHE B 32 -3.72 -33.96 -13.85
CA PHE B 32 -4.35 -35.18 -14.32
C PHE B 32 -3.65 -36.41 -13.75
N VAL B 33 -2.33 -36.36 -13.60
CA VAL B 33 -1.62 -37.47 -12.98
C VAL B 33 -1.95 -37.55 -11.50
N SER B 34 -2.13 -36.41 -10.83
CA SER B 34 -2.56 -36.43 -9.44
C SER B 34 -3.92 -37.12 -9.30
N GLY B 35 -4.80 -36.94 -10.28
CA GLY B 35 -6.08 -37.63 -10.24
C GLY B 35 -5.97 -39.11 -10.48
N ILE B 36 -4.89 -39.55 -11.12
CA ILE B 36 -4.69 -40.98 -11.36
C ILE B 36 -4.06 -41.63 -10.16
N LEU B 37 -3.12 -40.96 -9.51
CA LEU B 37 -2.50 -41.49 -8.31
C LEU B 37 -3.44 -41.44 -7.11
N ILE B 38 -4.42 -40.54 -7.12
CA ILE B 38 -5.44 -40.54 -6.09
C ILE B 38 -6.34 -41.77 -6.22
N ILE B 39 -6.67 -42.14 -7.45
CA ILE B 39 -7.49 -43.33 -7.67
C ILE B 39 -6.69 -44.58 -7.36
N ALA B 40 -5.41 -44.61 -7.74
CA ALA B 40 -4.58 -45.76 -7.42
C ALA B 40 -4.43 -45.93 -5.91
N GLN B 41 -4.27 -44.82 -5.19
CA GLN B 41 -4.22 -44.89 -3.74
C GLN B 41 -5.51 -45.46 -3.16
N ALA B 42 -6.66 -44.98 -3.63
CA ALA B 42 -7.93 -45.44 -3.08
C ALA B 42 -8.21 -46.89 -3.42
N TRP B 43 -7.80 -47.34 -4.61
CA TRP B 43 -8.03 -48.72 -4.98
C TRP B 43 -7.15 -49.67 -4.17
N PHE B 44 -5.91 -49.27 -3.90
CA PHE B 44 -5.03 -50.13 -3.11
C PHE B 44 -5.47 -50.15 -1.64
N MET B 45 -5.89 -49.01 -1.11
CA MET B 45 -6.38 -48.97 0.27
C MET B 45 -7.66 -49.79 0.41
N ALA B 46 -8.49 -49.82 -0.63
CA ALA B 46 -9.73 -50.59 -0.57
C ALA B 46 -9.46 -52.08 -0.68
N ARG B 47 -8.46 -52.47 -1.47
CA ARG B 47 -8.15 -53.89 -1.60
C ARG B 47 -7.42 -54.41 -0.37
N ILE B 48 -6.63 -53.58 0.30
CA ILE B 48 -6.03 -53.99 1.56
C ILE B 48 -7.11 -54.12 2.62
N LEU B 49 -8.00 -53.13 2.71
CA LEU B 49 -9.00 -53.11 3.76
C LEU B 49 -10.01 -54.24 3.61
N GLN B 50 -10.30 -54.65 2.37
CA GLN B 50 -11.19 -55.78 2.18
C GLN B 50 -10.57 -57.08 2.69
N HIS B 51 -9.29 -57.29 2.41
CA HIS B 51 -8.64 -58.53 2.82
C HIS B 51 -8.55 -58.64 4.34
N MET B 52 -8.21 -57.54 5.02
CA MET B 52 -8.05 -57.57 6.46
C MET B 52 -9.37 -57.52 7.22
N ILE B 53 -10.47 -57.23 6.55
CA ILE B 53 -11.79 -57.14 7.19
C ILE B 53 -12.67 -58.34 6.80
N MET B 54 -12.74 -58.64 5.51
CA MET B 54 -13.59 -59.74 5.03
C MET B 54 -12.87 -61.08 5.05
N GLU B 55 -11.73 -61.17 4.36
CA GLU B 55 -11.01 -62.43 4.25
C GLU B 55 -10.08 -62.70 5.43
N ASN B 56 -9.98 -61.74 6.36
CA ASN B 56 -9.15 -61.89 7.59
C ASN B 56 -7.72 -62.32 7.25
N ILE B 57 -7.15 -61.81 6.16
CA ILE B 57 -5.75 -62.12 5.81
C ILE B 57 -4.82 -61.36 6.73
N PRO B 58 -3.82 -62.00 7.33
CA PRO B 58 -2.89 -61.28 8.19
C PRO B 58 -2.08 -60.25 7.41
N ARG B 59 -1.66 -59.20 8.12
CA ARG B 59 -0.97 -58.09 7.48
C ARG B 59 0.32 -58.49 6.80
N GLU B 60 0.97 -59.57 7.24
CA GLU B 60 2.25 -59.96 6.66
C GLU B 60 2.10 -60.55 5.26
N ALA B 61 0.90 -60.96 4.87
CA ALA B 61 0.67 -61.52 3.55
C ALA B 61 0.27 -60.47 2.52
N LEU B 62 0.24 -59.20 2.92
CA LEU B 62 -0.17 -58.11 2.03
C LEU B 62 0.98 -57.15 1.74
N LEU B 63 2.22 -57.66 1.72
CA LEU B 63 3.36 -56.79 1.48
C LEU B 63 3.40 -56.30 0.04
N LEU B 64 2.63 -56.93 -0.86
CA LEU B 64 2.57 -56.40 -2.22
C LEU B 64 1.64 -55.21 -2.34
N PRO B 65 0.40 -55.23 -1.81
CA PRO B 65 -0.40 -54.00 -1.87
C PRO B 65 0.12 -52.88 -0.99
N PHE B 66 0.74 -53.18 0.16
CA PHE B 66 1.36 -52.12 0.95
C PHE B 66 2.49 -51.45 0.20
N THR B 67 3.34 -52.25 -0.47
CA THR B 67 4.45 -51.67 -1.21
C THR B 67 3.95 -50.78 -2.34
N LEU B 68 2.94 -51.24 -3.09
CA LEU B 68 2.37 -50.41 -4.14
C LEU B 68 1.61 -49.22 -3.58
N LEU B 69 1.14 -49.33 -2.33
CA LEU B 69 0.44 -48.20 -1.72
C LEU B 69 1.42 -47.14 -1.26
N VAL B 70 2.61 -47.54 -0.80
CA VAL B 70 3.62 -46.58 -0.39
C VAL B 70 4.15 -45.81 -1.60
N LEU B 71 4.39 -46.52 -2.71
CA LEU B 71 4.82 -45.84 -3.93
C LEU B 71 3.76 -44.88 -4.44
N THR B 72 2.49 -45.26 -4.35
CA THR B 72 1.43 -44.35 -4.77
C THR B 72 1.36 -43.12 -3.88
N PHE B 73 1.81 -43.24 -2.63
CA PHE B 73 1.89 -42.07 -1.75
C PHE B 73 3.16 -41.26 -2.04
N VAL B 74 4.27 -41.93 -2.31
CA VAL B 74 5.51 -41.23 -2.63
C VAL B 74 5.38 -40.52 -3.97
N LEU B 75 4.76 -41.18 -4.95
CA LEU B 75 4.52 -40.54 -6.24
C LEU B 75 3.53 -39.39 -6.12
N ARG B 76 2.56 -39.51 -5.22
CA ARG B 76 1.62 -38.41 -4.98
C ARG B 76 2.33 -37.19 -4.42
N ALA B 77 3.26 -37.39 -3.49
CA ALA B 77 3.97 -36.28 -2.89
C ALA B 77 4.97 -35.66 -3.85
N TRP B 78 5.46 -36.43 -4.81
CA TRP B 78 6.38 -35.91 -5.82
C TRP B 78 5.65 -35.06 -6.84
N VAL B 79 4.45 -35.47 -7.25
CA VAL B 79 3.67 -34.67 -8.18
C VAL B 79 3.19 -33.39 -7.52
N VAL B 80 2.88 -33.44 -6.23
CA VAL B 80 2.50 -32.22 -5.51
C VAL B 80 3.69 -31.27 -5.42
N TRP B 81 4.90 -31.82 -5.23
CA TRP B 81 6.10 -30.99 -5.21
C TRP B 81 6.42 -30.44 -6.59
N LEU B 82 6.23 -31.25 -7.64
CA LEU B 82 6.41 -30.77 -9.01
C LEU B 82 5.39 -29.70 -9.36
N ARG B 83 4.11 -29.98 -9.09
CA ARG B 83 3.04 -29.09 -9.51
C ARG B 83 3.05 -27.76 -8.77
N GLU B 84 3.72 -27.72 -7.61
CA GLU B 84 3.80 -26.49 -6.78
C GLU B 84 4.97 -25.61 -7.28
N ARG B 85 5.98 -26.22 -7.89
CA ARG B 85 7.11 -25.48 -8.45
C ARG B 85 6.83 -25.03 -9.88
N VAL B 86 6.12 -25.86 -10.65
CA VAL B 86 5.69 -25.45 -11.98
C VAL B 86 4.70 -24.30 -11.88
N GLY B 87 3.86 -24.30 -10.86
CA GLY B 87 2.92 -23.22 -10.68
C GLY B 87 3.59 -21.88 -10.42
N TYR B 88 4.70 -21.90 -9.70
CA TYR B 88 5.45 -20.66 -9.51
C TYR B 88 5.98 -20.11 -10.81
N HIS B 89 6.56 -20.98 -11.65
CA HIS B 89 7.12 -20.51 -12.92
C HIS B 89 6.03 -19.97 -13.83
N ALA B 90 4.79 -20.44 -13.65
CA ALA B 90 3.67 -19.84 -14.38
C ALA B 90 3.45 -18.40 -13.95
N GLY B 91 3.48 -18.14 -12.64
CA GLY B 91 3.22 -16.80 -12.16
C GLY B 91 4.40 -15.87 -12.21
N GLN B 92 5.62 -16.40 -12.17
CA GLN B 92 6.81 -15.55 -12.24
C GLN B 92 6.95 -14.91 -13.61
N HIS B 93 6.76 -15.69 -14.67
CA HIS B 93 6.97 -15.20 -16.02
C HIS B 93 5.86 -14.30 -16.50
N ILE B 94 4.70 -14.33 -15.84
CA ILE B 94 3.63 -13.39 -16.15
C ILE B 94 3.89 -12.05 -15.48
N ARG B 95 4.34 -12.07 -14.23
CA ARG B 95 4.68 -10.83 -13.54
C ARG B 95 5.89 -10.16 -14.16
N PHE B 96 6.86 -10.94 -14.59
CA PHE B 96 8.06 -10.37 -15.22
C PHE B 96 7.72 -9.66 -16.52
N ALA B 97 6.75 -10.18 -17.26
CA ALA B 97 6.37 -9.55 -18.52
C ALA B 97 5.42 -8.38 -18.32
N ILE B 98 4.51 -8.47 -17.36
CA ILE B 98 3.62 -7.35 -17.08
C ILE B 98 4.40 -6.18 -16.52
N ARG B 99 5.36 -6.44 -15.63
CA ARG B 99 6.18 -5.38 -15.10
C ARG B 99 7.05 -4.75 -16.18
N ARG B 100 7.48 -5.54 -17.16
CA ARG B 100 8.23 -4.98 -18.28
C ARG B 100 7.34 -4.12 -19.15
N GLN B 101 6.08 -4.52 -19.32
CA GLN B 101 5.13 -3.68 -20.06
C GLN B 101 4.81 -2.40 -19.31
N VAL B 102 4.75 -2.47 -17.97
CA VAL B 102 4.43 -1.29 -17.18
C VAL B 102 5.58 -0.29 -17.22
N LEU B 103 6.82 -0.77 -17.17
CA LEU B 103 7.96 0.14 -17.20
C LEU B 103 8.17 0.73 -18.59
N ASP B 104 7.93 -0.07 -19.64
CA ASP B 104 7.99 0.47 -21.00
C ASP B 104 6.91 1.53 -21.20
N ARG B 105 5.69 1.25 -20.74
CA ARG B 105 4.61 2.20 -20.83
C ARG B 105 4.88 3.45 -20.01
N LEU B 106 5.78 3.36 -19.03
CA LEU B 106 6.06 4.45 -18.11
C LEU B 106 7.32 5.23 -18.47
N GLN B 107 8.28 4.59 -19.12
CA GLN B 107 9.45 5.31 -19.62
C GLN B 107 9.12 6.10 -20.88
N GLN B 108 8.28 5.53 -21.75
CA GLN B 108 7.87 6.24 -22.96
C GLN B 108 7.07 7.49 -22.62
N ALA B 109 6.15 7.40 -21.65
CA ALA B 109 5.39 8.57 -21.24
C ALA B 109 6.30 9.67 -20.72
N GLY B 110 7.45 9.31 -20.15
CA GLY B 110 8.45 10.27 -19.78
C GLY B 110 8.14 10.94 -18.46
N PRO B 111 9.02 11.87 -18.05
CA PRO B 111 8.80 12.58 -16.78
C PRO B 111 7.55 13.45 -16.76
N ALA B 112 6.99 13.77 -17.93
CA ALA B 112 5.79 14.60 -17.96
C ALA B 112 4.62 13.90 -17.28
N TRP B 113 4.46 12.60 -17.51
CA TRP B 113 3.37 11.83 -16.93
C TRP B 113 3.73 11.16 -15.62
N ILE B 114 5.00 10.82 -15.41
CA ILE B 114 5.42 10.28 -14.12
C ILE B 114 5.24 11.32 -13.03
N GLN B 115 5.36 12.60 -13.38
CA GLN B 115 5.17 13.67 -12.39
C GLN B 115 3.73 13.76 -11.90
N GLY B 116 2.78 13.14 -12.61
CA GLY B 116 1.39 13.26 -12.21
C GLY B 116 1.10 12.61 -10.87
N LYS B 117 1.68 11.45 -10.62
CA LYS B 117 1.45 10.70 -9.40
C LYS B 117 2.72 10.65 -8.56
N PRO B 118 2.59 10.61 -7.22
CA PRO B 118 3.78 10.49 -6.38
C PRO B 118 4.52 9.18 -6.65
N ALA B 119 5.84 9.22 -6.49
CA ALA B 119 6.65 8.03 -6.74
C ALA B 119 6.27 6.89 -5.80
N GLY B 120 5.66 7.19 -4.66
CA GLY B 120 5.15 6.12 -3.81
C GLY B 120 4.00 5.37 -4.45
N SER B 121 3.15 6.07 -5.20
CA SER B 121 2.03 5.43 -5.87
C SER B 121 2.47 4.66 -7.10
N TRP B 122 3.48 5.14 -7.82
CA TRP B 122 4.02 4.37 -8.93
C TRP B 122 4.64 3.08 -8.43
N ALA B 123 5.33 3.13 -7.29
CA ALA B 123 5.90 1.92 -6.72
C ALA B 123 4.82 0.94 -6.29
N THR B 124 3.67 1.43 -5.82
CA THR B 124 2.58 0.52 -5.48
C THR B 124 2.11 -0.26 -6.70
N LEU B 125 1.97 0.43 -7.83
CA LEU B 125 1.51 -0.23 -9.05
C LEU B 125 2.54 -1.23 -9.56
N VAL B 126 3.80 -0.81 -9.66
CA VAL B 126 4.81 -1.64 -10.29
C VAL B 126 5.27 -2.77 -9.38
N LEU B 127 5.14 -2.60 -8.07
CA LEU B 127 5.76 -3.49 -7.11
C LEU B 127 4.76 -4.30 -6.31
N GLU B 128 3.76 -3.64 -5.71
CA GLU B 128 2.81 -4.35 -4.86
C GLU B 128 1.67 -4.97 -5.66
N GLN B 129 1.17 -4.26 -6.68
CA GLN B 129 0.00 -4.76 -7.39
C GLN B 129 0.36 -5.82 -8.42
N ILE B 130 1.52 -5.72 -9.05
CA ILE B 130 1.92 -6.75 -9.99
C ILE B 130 2.22 -8.06 -9.27
N ASP B 131 2.82 -7.97 -8.08
CA ASP B 131 3.08 -9.16 -7.29
C ASP B 131 1.82 -9.71 -6.64
N ASP B 132 0.72 -8.95 -6.62
CA ASP B 132 -0.54 -9.45 -6.09
C ASP B 132 -1.24 -10.41 -7.06
N MET B 133 -0.82 -10.46 -8.30
CA MET B 133 -1.40 -11.36 -9.28
C MET B 133 -0.72 -12.72 -9.29
N HIS B 134 0.31 -12.94 -8.46
CA HIS B 134 1.06 -14.18 -8.53
C HIS B 134 0.19 -15.37 -8.18
N ASP B 135 -0.49 -15.32 -7.04
CA ASP B 135 -1.26 -16.46 -6.56
C ASP B 135 -2.50 -16.72 -7.40
N TYR B 136 -2.92 -15.79 -8.24
CA TYR B 136 -3.93 -16.11 -9.24
C TYR B 136 -3.37 -17.07 -10.27
N TYR B 137 -2.18 -16.78 -10.78
CA TYR B 137 -1.60 -17.60 -11.84
C TYR B 137 -0.86 -18.81 -11.27
N ALA B 138 -0.34 -18.71 -10.06
CA ALA B 138 0.40 -19.79 -9.45
C ALA B 138 -0.47 -20.76 -8.68
N ARG B 139 -1.59 -20.30 -8.16
CA ARG B 139 -2.40 -21.19 -7.32
C ARG B 139 -3.86 -21.27 -7.75
N TYR B 140 -4.44 -20.17 -8.23
CA TYR B 140 -5.87 -20.21 -8.55
C TYR B 140 -6.12 -20.85 -9.90
N LEU B 141 -5.49 -20.34 -10.95
CA LEU B 141 -5.69 -20.93 -12.28
C LEU B 141 -5.30 -22.40 -12.35
N PRO B 142 -4.17 -22.85 -11.78
CA PRO B 142 -3.91 -24.30 -11.78
C PRO B 142 -4.91 -25.10 -10.95
N GLN B 143 -5.62 -24.47 -10.03
CA GLN B 143 -6.59 -25.19 -9.23
C GLN B 143 -7.96 -25.23 -9.90
N MET B 144 -8.27 -24.22 -10.72
CA MET B 144 -9.52 -24.24 -11.47
C MET B 144 -9.47 -25.24 -12.61
N ALA B 145 -8.27 -25.68 -13.00
CA ALA B 145 -8.11 -26.79 -13.93
C ALA B 145 -8.09 -28.13 -13.23
N LEU B 146 -7.63 -28.16 -11.97
CA LEU B 146 -7.73 -29.36 -11.15
C LEU B 146 -9.15 -29.60 -10.67
N ALA B 147 -10.00 -28.58 -10.69
CA ALA B 147 -11.38 -28.71 -10.25
C ALA B 147 -12.27 -29.39 -11.28
N VAL B 148 -11.78 -29.61 -12.49
CA VAL B 148 -12.50 -30.37 -13.49
C VAL B 148 -11.73 -31.60 -13.97
N SER B 149 -10.41 -31.63 -13.82
CA SER B 149 -9.63 -32.81 -14.20
C SER B 149 -9.89 -33.97 -13.26
N VAL B 150 -9.83 -33.73 -11.96
CA VAL B 150 -9.92 -34.81 -10.97
C VAL B 150 -11.36 -35.25 -10.74
N PRO B 151 -12.33 -34.35 -10.51
CA PRO B 151 -13.70 -34.84 -10.31
C PRO B 151 -14.23 -35.66 -11.47
N LEU B 152 -13.95 -35.27 -12.71
CA LEU B 152 -14.38 -36.06 -13.85
C LEU B 152 -13.60 -37.38 -13.94
N LEU B 153 -12.36 -37.38 -13.50
CA LEU B 153 -11.55 -38.59 -13.53
C LEU B 153 -11.93 -39.55 -12.41
N ILE B 154 -12.45 -39.04 -11.28
CA ILE B 154 -12.91 -39.93 -10.21
C ILE B 154 -14.10 -40.75 -10.68
N VAL B 155 -15.04 -40.11 -11.38
CA VAL B 155 -16.26 -40.80 -11.80
C VAL B 155 -15.95 -41.89 -12.81
N VAL B 156 -14.98 -41.64 -13.70
CA VAL B 156 -14.57 -42.65 -14.67
C VAL B 156 -14.02 -43.88 -13.96
N ALA B 157 -13.47 -43.71 -12.76
CA ALA B 157 -12.92 -44.85 -12.03
C ALA B 157 -13.97 -45.59 -11.21
N ILE B 158 -15.02 -44.91 -10.78
CA ILE B 158 -16.08 -45.57 -10.01
C ILE B 158 -17.17 -46.15 -10.89
N PHE B 159 -17.31 -45.67 -12.13
CA PHE B 159 -18.36 -46.18 -13.00
C PHE B 159 -18.23 -47.67 -13.29
N PRO B 160 -17.07 -48.22 -13.65
CA PRO B 160 -17.01 -49.67 -13.89
C PRO B 160 -17.35 -50.51 -12.66
N SER B 161 -16.96 -50.06 -11.47
CA SER B 161 -17.19 -50.86 -10.28
C SER B 161 -18.64 -50.80 -9.82
N ASN B 162 -19.25 -49.61 -9.89
CA ASN B 162 -20.61 -49.43 -9.40
C ASN B 162 -21.16 -48.15 -10.02
N TRP B 163 -22.22 -48.28 -10.81
CA TRP B 163 -22.75 -47.11 -11.51
C TRP B 163 -23.67 -46.26 -10.65
N ALA B 164 -24.13 -46.77 -9.51
CA ALA B 164 -24.96 -45.97 -8.62
C ALA B 164 -24.12 -45.07 -7.73
N ALA B 165 -22.94 -45.54 -7.32
CA ALA B 165 -22.05 -44.71 -6.51
C ALA B 165 -21.41 -43.61 -7.34
N ALA B 166 -21.19 -43.86 -8.64
CA ALA B 166 -20.68 -42.81 -9.51
C ALA B 166 -21.74 -41.77 -9.82
N LEU B 167 -23.01 -42.19 -9.88
CA LEU B 167 -24.08 -41.26 -10.19
C LEU B 167 -24.42 -40.37 -9.01
N ILE B 168 -24.14 -40.81 -7.78
CA ILE B 168 -24.34 -39.95 -6.62
C ILE B 168 -23.39 -38.75 -6.68
N LEU B 169 -22.12 -39.01 -6.98
CA LEU B 169 -21.15 -37.93 -7.11
C LEU B 169 -21.42 -37.10 -8.36
N LEU B 170 -21.72 -37.77 -9.48
CA LEU B 170 -21.99 -37.07 -10.72
C LEU B 170 -23.31 -36.30 -10.67
N GLY B 171 -24.25 -36.73 -9.83
CA GLY B 171 -25.50 -35.99 -9.70
C GLY B 171 -25.30 -34.59 -9.15
N THR B 172 -24.34 -34.43 -8.23
CA THR B 172 -24.04 -33.13 -7.66
C THR B 172 -23.18 -32.27 -8.57
N ALA B 173 -22.69 -32.81 -9.68
CA ALA B 173 -21.81 -32.05 -10.56
C ALA B 173 -22.47 -30.80 -11.15
N PRO B 174 -23.72 -30.82 -11.64
CA PRO B 174 -24.29 -29.60 -12.21
C PRO B 174 -24.97 -28.71 -11.18
N LEU B 175 -25.31 -29.27 -10.02
CA LEU B 175 -26.01 -28.50 -9.00
C LEU B 175 -25.11 -27.45 -8.39
N ILE B 176 -23.81 -27.74 -8.24
CA ILE B 176 -22.88 -26.76 -7.66
C ILE B 176 -22.78 -25.50 -8.52
N PRO B 177 -22.57 -25.57 -9.84
CA PRO B 177 -22.61 -24.34 -10.64
C PRO B 177 -24.01 -23.79 -10.84
N LEU B 178 -25.05 -24.61 -10.66
CA LEU B 178 -26.42 -24.09 -10.74
C LEU B 178 -26.70 -23.11 -9.62
N PHE B 179 -26.16 -23.35 -8.43
CA PHE B 179 -26.25 -22.41 -7.33
C PHE B 179 -25.19 -21.33 -7.40
N MET B 180 -24.43 -21.28 -8.48
CA MET B 180 -23.56 -20.17 -8.79
C MET B 180 -24.21 -19.18 -9.74
N ALA B 181 -25.20 -19.63 -10.53
CA ALA B 181 -25.96 -18.72 -11.38
C ALA B 181 -27.08 -18.01 -10.63
N LEU B 182 -27.42 -18.47 -9.42
CA LEU B 182 -28.41 -17.76 -8.63
C LEU B 182 -27.79 -16.60 -7.87
N VAL B 183 -26.81 -16.89 -7.02
CA VAL B 183 -26.21 -15.87 -6.16
C VAL B 183 -24.72 -15.71 -6.40
N GLY B 184 -24.08 -16.59 -7.16
CA GLY B 184 -22.64 -16.51 -7.32
C GLY B 184 -22.18 -15.27 -8.06
N MET B 185 -22.82 -14.97 -9.20
CA MET B 185 -22.46 -13.76 -9.95
C MET B 185 -22.83 -12.50 -9.17
N GLY B 186 -23.99 -12.50 -8.52
CA GLY B 186 -24.41 -11.33 -7.79
C GLY B 186 -23.48 -11.00 -6.63
N ALA B 187 -23.08 -12.02 -5.88
CA ALA B 187 -22.22 -11.78 -4.72
C ALA B 187 -20.76 -11.54 -5.12
N ALA B 188 -20.28 -12.23 -6.16
CA ALA B 188 -18.87 -12.12 -6.52
C ALA B 188 -18.51 -10.71 -6.97
N ASP B 189 -19.37 -10.07 -7.77
CA ASP B 189 -19.11 -8.69 -8.14
C ASP B 189 -19.44 -7.73 -7.01
N ALA B 190 -20.43 -8.04 -6.18
CA ALA B 190 -20.66 -7.24 -4.98
C ALA B 190 -19.46 -7.32 -4.06
N ASN B 191 -18.84 -8.49 -3.95
CA ASN B 191 -17.65 -8.64 -3.13
C ASN B 191 -16.48 -7.85 -3.69
N ARG B 192 -16.36 -7.75 -5.01
CA ARG B 192 -15.32 -6.92 -5.59
C ARG B 192 -15.47 -5.47 -5.18
N ARG B 193 -16.71 -5.01 -4.99
CA ARG B 193 -16.95 -3.66 -4.51
C ARG B 193 -16.86 -3.54 -3.00
N ASN B 194 -16.65 -4.65 -2.30
CA ASN B 194 -16.36 -4.61 -0.88
C ASN B 194 -14.87 -4.63 -0.58
N PHE B 195 -14.06 -5.15 -1.51
CA PHE B 195 -12.62 -4.99 -1.38
C PHE B 195 -12.20 -3.57 -1.73
N LEU B 196 -12.99 -2.89 -2.56
CA LEU B 196 -12.74 -1.48 -2.85
C LEU B 196 -13.05 -0.62 -1.63
N ALA B 197 -14.18 -0.91 -0.97
CA ALA B 197 -14.52 -0.17 0.25
C ALA B 197 -13.51 -0.42 1.35
N LEU B 198 -12.99 -1.65 1.43
CA LEU B 198 -11.94 -1.95 2.39
C LEU B 198 -10.67 -1.17 2.08
N ALA B 199 -10.38 -0.91 0.81
CA ALA B 199 -9.24 -0.09 0.45
C ALA B 199 -9.51 1.39 0.69
N ARG B 200 -10.77 1.81 0.57
CA ARG B 200 -11.12 3.18 0.92
C ARG B 200 -11.08 3.40 2.42
N LEU B 201 -11.64 2.46 3.18
CA LEU B 201 -11.58 2.57 4.64
C LEU B 201 -10.16 2.55 5.14
N SER B 202 -9.27 1.83 4.46
CA SER B 202 -7.85 1.89 4.79
C SER B 202 -7.24 3.22 4.38
N GLY B 203 -7.80 3.86 3.37
CA GLY B 203 -7.40 5.19 2.94
C GLY B 203 -8.08 6.31 3.66
N HIS B 204 -9.02 5.99 4.55
CA HIS B 204 -9.63 6.97 5.45
C HIS B 204 -9.01 6.95 6.82
N PHE B 205 -8.44 5.82 7.24
CA PHE B 205 -7.61 5.79 8.44
C PHE B 205 -6.28 6.47 8.19
N LEU B 206 -5.67 6.23 7.02
CA LEU B 206 -4.44 6.92 6.67
C LEU B 206 -4.67 8.41 6.53
N ASP B 207 -5.87 8.82 6.10
CA ASP B 207 -6.20 10.23 6.02
C ASP B 207 -6.25 10.88 7.40
N ARG B 208 -6.78 10.17 8.39
CA ARG B 208 -6.81 10.69 9.74
C ARG B 208 -5.44 10.65 10.40
N LEU B 209 -4.58 9.73 9.96
CA LEU B 209 -3.22 9.68 10.48
C LEU B 209 -2.34 10.77 9.89
N ARG B 210 -2.56 11.13 8.62
CA ARG B 210 -1.78 12.20 8.01
C ARG B 210 -2.18 13.57 8.53
N GLY B 211 -3.34 13.69 9.15
CA GLY B 211 -3.82 14.97 9.60
C GLY B 211 -3.94 15.11 11.10
N MET B 212 -3.15 14.34 11.86
CA MET B 212 -3.20 14.49 13.32
C MET B 212 -2.63 15.82 13.78
N GLU B 213 -1.89 16.53 12.94
CA GLU B 213 -1.43 17.86 13.31
C GLU B 213 -2.56 18.87 13.25
N THR B 214 -3.48 18.71 12.29
CA THR B 214 -4.64 19.58 12.22
C THR B 214 -5.70 19.20 13.26
N LEU B 215 -5.84 17.91 13.53
CA LEU B 215 -6.76 17.47 14.59
C LEU B 215 -6.27 17.88 15.96
N ARG B 216 -4.95 17.96 16.15
CA ARG B 216 -4.41 18.33 17.45
C ARG B 216 -4.71 19.79 17.77
N ILE B 217 -4.53 20.69 16.80
CA ILE B 217 -4.68 22.13 17.05
C ILE B 217 -6.12 22.58 17.00
N PHE B 218 -7.09 21.68 16.80
CA PHE B 218 -8.49 22.03 16.81
C PHE B 218 -9.29 21.30 17.87
N GLY B 219 -8.71 20.35 18.58
CA GLY B 219 -9.41 19.61 19.60
C GLY B 219 -10.24 18.45 19.10
N ARG B 220 -10.11 18.09 17.83
CA ARG B 220 -10.92 17.05 17.22
C ARG B 220 -10.33 15.65 17.39
N GLY B 221 -9.52 15.45 18.43
CA GLY B 221 -8.99 14.12 18.67
C GLY B 221 -10.05 13.11 19.06
N GLU B 222 -10.96 13.51 19.96
CA GLU B 222 -12.02 12.61 20.39
C GLU B 222 -13.11 12.49 19.35
N ALA B 223 -13.32 13.53 18.54
CA ALA B 223 -14.37 13.48 17.53
C ALA B 223 -13.97 12.60 16.35
N GLU B 224 -12.68 12.53 16.04
CA GLU B 224 -12.22 11.67 14.96
C GLU B 224 -12.06 10.22 15.39
N ILE B 225 -12.04 9.94 16.68
CA ILE B 225 -12.15 8.55 17.15
C ILE B 225 -13.56 8.04 16.89
N GLU B 226 -14.57 8.90 17.07
CA GLU B 226 -15.93 8.53 16.71
C GLU B 226 -16.13 8.47 15.20
N SER B 227 -15.33 9.21 14.43
CA SER B 227 -15.40 9.09 12.98
C SER B 227 -14.76 7.80 12.50
N ILE B 228 -13.67 7.37 13.14
CA ILE B 228 -13.08 6.07 12.84
C ILE B 228 -14.03 4.96 13.26
N ARG B 229 -14.67 5.11 14.42
CA ARG B 229 -15.63 4.11 14.89
C ARG B 229 -16.83 4.02 13.96
N SER B 230 -17.34 5.15 13.48
CA SER B 230 -18.52 5.14 12.64
C SER B 230 -18.20 4.66 11.23
N ALA B 231 -17.05 5.06 10.68
CA ALA B 231 -16.67 4.62 9.35
C ALA B 231 -16.36 3.12 9.34
N SER B 232 -15.72 2.62 10.40
CA SER B 232 -15.44 1.20 10.49
C SER B 232 -16.74 0.40 10.66
N GLU B 233 -17.61 0.84 11.57
CA GLU B 233 -18.89 0.17 11.77
C GLU B 233 -19.76 0.25 10.52
N ASP B 234 -19.64 1.33 9.76
CA ASP B 234 -20.36 1.43 8.50
C ASP B 234 -19.89 0.38 7.50
N PHE B 235 -18.57 0.19 7.38
CA PHE B 235 -18.05 -0.76 6.41
C PHE B 235 -18.44 -2.18 6.76
N ARG B 236 -18.35 -2.54 8.04
CA ARG B 236 -18.64 -3.92 8.45
C ARG B 236 -20.08 -4.28 8.16
N GLN B 237 -21.01 -3.37 8.43
CA GLN B 237 -22.42 -3.67 8.25
C GLN B 237 -22.75 -3.93 6.78
N ARG B 238 -22.22 -3.12 5.88
CA ARG B 238 -22.50 -3.33 4.46
C ARG B 238 -21.78 -4.56 3.92
N THR B 239 -20.62 -4.91 4.48
CA THR B 239 -19.93 -6.11 4.06
C THR B 239 -20.61 -7.37 4.59
N MET B 240 -21.04 -7.34 5.85
CA MET B 240 -21.70 -8.49 6.44
C MET B 240 -23.08 -8.74 5.86
N GLU B 241 -23.56 -7.81 5.03
CA GLU B 241 -24.87 -7.92 4.35
C GLU B 241 -24.64 -8.72 3.06
N VAL B 242 -23.43 -8.59 2.49
CA VAL B 242 -23.05 -9.31 1.27
C VAL B 242 -22.44 -10.66 1.61
N LEU B 243 -21.61 -10.71 2.65
CA LEU B 243 -21.02 -11.97 3.07
C LEU B 243 -22.05 -12.90 3.68
N ARG B 244 -23.19 -12.38 4.13
CA ARG B 244 -24.29 -13.25 4.52
C ARG B 244 -24.82 -14.06 3.35
N LEU B 245 -24.54 -13.60 2.13
CA LEU B 245 -24.93 -14.30 0.91
C LEU B 245 -23.75 -14.90 0.16
N ALA B 246 -22.59 -14.27 0.23
CA ALA B 246 -21.40 -14.81 -0.44
C ALA B 246 -20.97 -16.14 0.17
N PHE B 247 -21.08 -16.26 1.49
CA PHE B 247 -20.65 -17.46 2.19
C PHE B 247 -21.61 -18.62 2.02
N LEU B 248 -22.71 -18.44 1.27
CA LEU B 248 -23.56 -19.58 0.95
C LEU B 248 -22.87 -20.54 0.00
N SER B 249 -21.96 -20.04 -0.85
CA SER B 249 -21.25 -20.92 -1.76
C SER B 249 -20.41 -21.93 -1.00
N SER B 250 -19.71 -21.49 0.04
CA SER B 250 -18.91 -22.41 0.84
C SER B 250 -19.79 -23.33 1.67
N GLY B 251 -20.91 -22.80 2.18
CA GLY B 251 -21.83 -23.65 2.94
C GLY B 251 -22.52 -24.69 2.08
N ILE B 252 -22.96 -24.30 0.89
CA ILE B 252 -23.64 -25.25 0.00
C ILE B 252 -22.67 -26.33 -0.46
N LEU B 253 -21.47 -25.94 -0.88
CA LEU B 253 -20.48 -26.92 -1.31
C LEU B 253 -20.08 -27.85 -0.19
N GLU B 254 -20.12 -27.37 1.06
CA GLU B 254 -19.89 -28.23 2.20
C GLU B 254 -21.10 -29.06 2.58
N PHE B 255 -22.26 -28.80 1.97
CA PHE B 255 -23.45 -29.62 2.15
C PHE B 255 -23.51 -30.75 1.16
N PHE B 256 -23.14 -30.50 -0.09
CA PHE B 256 -23.13 -31.56 -1.09
C PHE B 256 -22.03 -32.59 -0.82
N THR B 257 -20.91 -32.16 -0.27
CA THR B 257 -19.87 -33.12 0.07
C THR B 257 -20.25 -33.93 1.30
N SER B 258 -21.07 -33.36 2.19
CA SER B 258 -21.60 -34.14 3.30
C SER B 258 -22.68 -35.09 2.84
N LEU B 259 -23.56 -34.62 1.96
CA LEU B 259 -24.64 -35.47 1.44
C LEU B 259 -24.09 -36.61 0.60
N SER B 260 -23.08 -36.33 -0.24
CA SER B 260 -22.51 -37.39 -1.07
C SER B 260 -21.81 -38.44 -0.22
N ILE B 261 -21.03 -38.02 0.78
CA ILE B 261 -20.38 -38.98 1.66
C ILE B 261 -21.43 -39.77 2.44
N ALA B 262 -22.47 -39.09 2.90
CA ALA B 262 -23.56 -39.77 3.60
C ALA B 262 -24.29 -40.75 2.68
N LEU B 263 -24.57 -40.32 1.45
CA LEU B 263 -25.32 -41.17 0.52
C LEU B 263 -24.51 -42.36 0.05
N VAL B 264 -23.20 -42.20 -0.12
CA VAL B 264 -22.35 -43.33 -0.50
C VAL B 264 -22.31 -44.35 0.64
N ALA B 265 -22.30 -43.88 1.89
CA ALA B 265 -22.27 -44.79 3.02
C ALA B 265 -23.62 -45.46 3.25
N VAL B 266 -24.71 -44.71 3.04
CA VAL B 266 -26.04 -45.29 3.23
C VAL B 266 -26.35 -46.29 2.12
N TYR B 267 -26.00 -45.95 0.88
CA TYR B 267 -26.27 -46.86 -0.23
C TYR B 267 -25.48 -48.15 -0.09
N PHE B 268 -24.17 -48.04 0.14
CA PHE B 268 -23.36 -49.24 0.29
C PHE B 268 -23.69 -49.97 1.59
N GLY B 269 -23.96 -49.23 2.66
CA GLY B 269 -24.26 -49.86 3.93
C GLY B 269 -25.51 -50.73 3.86
N PHE B 270 -26.54 -50.25 3.18
CA PHE B 270 -27.78 -51.01 3.03
C PHE B 270 -27.76 -51.95 1.83
N SER B 271 -26.80 -51.80 0.92
CA SER B 271 -26.61 -52.79 -0.13
C SER B 271 -25.97 -54.06 0.40
N TYR B 272 -25.07 -53.93 1.39
CA TYR B 272 -24.49 -55.12 2.00
C TYR B 272 -25.50 -55.85 2.85
N LEU B 273 -26.39 -55.12 3.52
CA LEU B 273 -27.40 -55.75 4.37
C LEU B 273 -28.48 -56.45 3.55
N GLY B 274 -28.62 -56.11 2.27
CA GLY B 274 -29.60 -56.75 1.42
C GLY B 274 -30.86 -55.94 1.19
N GLU B 275 -30.94 -54.72 1.70
CA GLU B 275 -32.13 -53.91 1.48
C GLU B 275 -32.16 -53.26 0.10
N LEU B 276 -31.04 -53.24 -0.61
CA LEU B 276 -30.95 -52.68 -1.94
C LEU B 276 -30.34 -53.72 -2.88
N ASP B 277 -30.81 -53.73 -4.13
CA ASP B 277 -30.36 -54.73 -5.11
C ASP B 277 -30.06 -54.12 -6.46
N PHE B 278 -29.75 -52.83 -6.53
CA PHE B 278 -29.44 -52.16 -7.77
C PHE B 278 -28.04 -51.54 -7.70
N GLY B 279 -27.63 -50.93 -8.81
CA GLY B 279 -26.39 -50.20 -8.87
C GLY B 279 -25.16 -51.01 -9.19
N HIS B 280 -25.25 -52.33 -9.16
CA HIS B 280 -24.11 -53.19 -9.45
C HIS B 280 -24.36 -53.96 -10.75
N TYR B 281 -23.27 -54.22 -11.47
CA TYR B 281 -23.34 -54.89 -12.78
C TYR B 281 -23.53 -56.39 -12.54
N ASP B 282 -24.76 -56.76 -12.19
CA ASP B 282 -25.21 -58.13 -11.97
C ASP B 282 -24.21 -58.96 -11.18
N THR B 283 -23.49 -58.33 -10.25
CA THR B 283 -22.55 -59.01 -9.38
C THR B 283 -22.71 -58.47 -7.96
N GLY B 284 -22.48 -59.34 -6.99
CA GLY B 284 -22.62 -58.91 -5.60
C GLY B 284 -21.69 -57.76 -5.28
N VAL B 285 -22.21 -56.77 -4.56
CA VAL B 285 -21.41 -55.60 -4.22
C VAL B 285 -20.37 -56.00 -3.18
N THR B 286 -19.12 -55.63 -3.43
CA THR B 286 -18.00 -56.01 -2.59
C THR B 286 -17.64 -54.89 -1.63
N LEU B 287 -16.89 -55.25 -0.58
CA LEU B 287 -16.42 -54.25 0.36
C LEU B 287 -15.35 -53.36 -0.25
N ALA B 288 -14.50 -53.93 -1.10
CA ALA B 288 -13.47 -53.14 -1.76
C ALA B 288 -14.06 -52.11 -2.70
N ALA B 289 -15.26 -52.38 -3.23
CA ALA B 289 -15.94 -51.38 -4.04
C ALA B 289 -16.56 -50.28 -3.19
N GLY B 290 -16.95 -50.61 -1.95
CA GLY B 290 -17.50 -49.60 -1.07
C GLY B 290 -16.45 -48.60 -0.61
N PHE B 291 -15.24 -49.07 -0.30
CA PHE B 291 -14.20 -48.17 0.15
C PHE B 291 -13.66 -47.33 -0.99
N LEU B 292 -13.55 -47.92 -2.19
CA LEU B 292 -13.13 -47.14 -3.35
C LEU B 292 -14.05 -45.96 -3.59
N ALA B 293 -15.35 -46.17 -3.50
CA ALA B 293 -16.31 -45.09 -3.71
C ALA B 293 -16.50 -44.22 -2.49
N LEU B 294 -15.93 -44.58 -1.34
CA LEU B 294 -15.99 -43.76 -0.15
C LEU B 294 -14.70 -42.99 0.10
N ILE B 295 -13.55 -43.59 -0.14
CA ILE B 295 -12.29 -42.86 -0.07
C ILE B 295 -12.25 -41.77 -1.14
N LEU B 296 -12.92 -41.99 -2.26
CA LEU B 296 -12.93 -41.06 -3.37
C LEU B 296 -14.09 -40.07 -3.32
N ALA B 297 -14.93 -40.12 -2.29
CA ALA B 297 -16.00 -39.14 -2.21
C ALA B 297 -15.48 -37.79 -1.70
N PRO B 298 -14.69 -37.74 -0.62
CA PRO B 298 -14.06 -36.46 -0.27
C PRO B 298 -13.12 -35.94 -1.34
N GLU B 299 -12.43 -36.82 -2.07
CA GLU B 299 -11.51 -36.39 -3.11
C GLU B 299 -12.22 -35.90 -4.36
N PHE B 300 -13.52 -36.13 -4.48
CA PHE B 300 -14.28 -35.57 -5.58
C PHE B 300 -14.51 -34.08 -5.40
N PHE B 301 -14.78 -33.66 -4.16
CA PHE B 301 -15.08 -32.27 -3.86
C PHE B 301 -13.89 -31.49 -3.32
N GLN B 302 -12.79 -32.16 -3.00
CA GLN B 302 -11.61 -31.46 -2.50
C GLN B 302 -11.06 -30.45 -3.51
N PRO B 303 -10.94 -30.75 -4.81
CA PRO B 303 -10.51 -29.69 -5.74
C PRO B 303 -11.43 -28.48 -5.75
N LEU B 304 -12.73 -28.67 -5.51
CA LEU B 304 -13.63 -27.52 -5.41
C LEU B 304 -13.47 -26.80 -4.08
N ARG B 305 -13.29 -27.54 -2.99
CA ARG B 305 -13.22 -26.91 -1.67
C ARG B 305 -11.89 -26.21 -1.44
N ASP B 306 -10.85 -26.56 -2.19
CA ASP B 306 -9.61 -25.79 -2.19
C ASP B 306 -9.66 -24.59 -3.12
N LEU B 307 -10.68 -24.51 -3.98
CA LEU B 307 -10.85 -23.32 -4.80
C LEU B 307 -11.42 -22.17 -4.01
N GLY B 308 -12.04 -22.45 -2.86
CA GLY B 308 -12.43 -21.39 -1.96
C GLY B 308 -11.32 -20.97 -1.02
N THR B 309 -10.37 -21.87 -0.77
CA THR B 309 -9.17 -21.48 -0.03
C THR B 309 -8.39 -20.42 -0.78
N PHE B 310 -8.42 -20.44 -2.12
CA PHE B 310 -7.73 -19.48 -2.95
C PHE B 310 -8.64 -18.37 -3.44
N TYR B 311 -9.68 -18.03 -2.68
CA TYR B 311 -10.56 -16.94 -3.09
C TYR B 311 -9.84 -15.60 -3.07
N HIS B 312 -9.04 -15.36 -2.03
CA HIS B 312 -8.32 -14.10 -1.95
C HIS B 312 -7.20 -14.01 -2.97
N ALA B 313 -6.77 -15.14 -3.52
CA ALA B 313 -5.86 -15.10 -4.65
C ALA B 313 -6.52 -14.42 -5.85
N LYS B 314 -7.79 -14.77 -6.11
CA LYS B 314 -8.53 -14.13 -7.18
C LYS B 314 -9.01 -12.74 -6.80
N ALA B 315 -9.44 -12.57 -5.55
CA ALA B 315 -10.03 -11.30 -5.14
C ALA B 315 -9.00 -10.17 -5.13
N GLN B 316 -7.77 -10.48 -4.77
CA GLN B 316 -6.71 -9.48 -4.75
C GLN B 316 -5.96 -9.38 -6.07
N ALA B 317 -6.16 -10.33 -6.98
CA ALA B 317 -5.64 -10.19 -8.34
C ALA B 317 -6.59 -9.41 -9.24
N VAL B 318 -7.89 -9.55 -9.02
CA VAL B 318 -8.86 -8.74 -9.74
C VAL B 318 -8.76 -7.28 -9.32
N GLY B 319 -8.48 -7.04 -8.04
CA GLY B 319 -8.23 -5.68 -7.59
C GLY B 319 -6.96 -5.09 -8.19
N ALA B 320 -5.94 -5.92 -8.36
CA ALA B 320 -4.72 -5.47 -9.04
C ALA B 320 -4.92 -5.33 -10.53
N ALA B 321 -5.77 -6.16 -11.14
CA ALA B 321 -6.06 -6.01 -12.56
C ALA B 321 -6.83 -4.73 -12.84
N ASP B 322 -7.65 -4.28 -11.88
CA ASP B 322 -8.39 -3.04 -12.06
C ASP B 322 -7.45 -1.86 -12.23
N SER B 323 -6.40 -1.80 -11.41
CA SER B 323 -5.47 -0.68 -11.46
C SER B 323 -4.53 -0.76 -12.65
N LEU B 324 -4.20 -1.97 -13.08
CA LEU B 324 -3.27 -2.15 -14.18
C LEU B 324 -3.95 -2.13 -15.54
N LYS B 325 -5.20 -2.56 -15.63
CA LYS B 325 -5.90 -2.49 -16.91
C LYS B 325 -6.12 -1.05 -17.33
N THR B 326 -6.54 -0.19 -16.40
CA THR B 326 -6.75 1.21 -16.73
C THR B 326 -5.43 1.91 -17.02
N PHE B 327 -4.36 1.55 -16.31
CA PHE B 327 -3.05 2.16 -16.56
C PHE B 327 -2.58 1.87 -17.98
N MET B 328 -2.74 0.62 -18.43
CA MET B 328 -2.33 0.26 -19.78
C MET B 328 -3.35 0.67 -20.83
N GLU B 329 -4.51 1.21 -20.44
CA GLU B 329 -5.52 1.61 -21.38
C GLU B 329 -5.69 3.12 -21.52
N THR B 330 -5.25 3.90 -20.54
CA THR B 330 -5.37 5.35 -20.65
C THR B 330 -4.57 5.85 -21.84
N PRO B 331 -5.18 6.53 -22.79
CA PRO B 331 -4.42 7.00 -23.96
C PRO B 331 -3.59 8.23 -23.62
N LEU B 332 -2.34 8.21 -24.06
CA LEU B 332 -1.43 9.32 -23.88
C LEU B 332 -0.98 9.84 -25.23
N ALA B 333 -0.53 11.09 -25.24
CA ALA B 333 -0.04 11.74 -26.46
C ALA B 333 1.47 11.98 -26.28
N HIS B 334 2.25 10.98 -26.65
CA HIS B 334 3.70 11.11 -26.56
C HIS B 334 4.20 12.12 -27.60
N PRO B 335 5.29 12.81 -27.31
CA PRO B 335 5.88 13.71 -28.30
C PRO B 335 6.34 12.94 -29.53
N GLN B 336 6.27 13.60 -30.68
CA GLN B 336 6.63 12.98 -31.95
C GLN B 336 8.14 13.06 -32.15
N ARG B 337 8.77 11.90 -32.32
CA ARG B 337 10.21 11.82 -32.52
C ARG B 337 10.54 11.58 -33.99
N GLY B 338 11.75 11.96 -34.37
CA GLY B 338 12.15 11.86 -35.76
C GLY B 338 13.53 11.27 -35.97
N GLU B 339 14.16 11.61 -37.09
CA GLU B 339 15.46 11.08 -37.45
C GLU B 339 16.52 12.16 -37.64
N ALA B 340 16.13 13.42 -37.83
CA ALA B 340 17.09 14.48 -38.12
C ALA B 340 18.08 14.64 -36.97
N GLU B 341 19.32 14.99 -37.32
CA GLU B 341 20.40 15.16 -36.38
C GLU B 341 21.03 16.53 -36.54
N LEU B 342 21.35 17.18 -35.43
CA LEU B 342 22.00 18.47 -35.48
C LEU B 342 23.39 18.35 -36.07
N ALA B 343 23.72 19.25 -36.99
CA ALA B 343 25.00 19.18 -37.68
C ALA B 343 26.16 19.63 -36.81
N SER B 344 25.98 20.68 -36.02
CA SER B 344 27.08 21.32 -35.31
C SER B 344 26.83 21.30 -33.81
N THR B 345 27.92 21.55 -33.06
CA THR B 345 27.87 21.59 -31.58
C THR B 345 27.81 23.06 -31.10
N ASP B 346 27.77 24.00 -32.04
CA ASP B 346 27.70 25.46 -31.73
C ASP B 346 26.34 25.78 -31.11
N PRO B 347 26.25 26.80 -30.22
CA PRO B 347 24.99 27.21 -29.58
C PRO B 347 23.81 27.29 -30.57
N VAL B 348 22.66 26.71 -30.17
CA VAL B 348 21.49 26.61 -31.03
C VAL B 348 20.68 27.90 -30.93
N THR B 349 19.81 28.10 -31.91
CA THR B 349 18.88 29.22 -31.95
C THR B 349 17.46 28.69 -31.78
N ILE B 350 16.70 29.31 -30.90
CA ILE B 350 15.35 28.85 -30.58
C ILE B 350 14.36 29.77 -31.26
N GLU B 351 13.34 29.18 -31.89
CA GLU B 351 12.27 29.94 -32.52
C GLU B 351 10.93 29.33 -32.15
N ALA B 352 9.89 30.15 -32.18
CA ALA B 352 8.56 29.67 -31.86
C ALA B 352 7.52 30.50 -32.61
N GLU B 353 6.51 29.82 -33.15
CA GLU B 353 5.39 30.47 -33.82
C GLU B 353 4.12 29.74 -33.42
N GLU B 354 3.27 30.41 -32.64
CA GLU B 354 2.00 29.84 -32.20
C GLU B 354 2.21 28.50 -31.50
N LEU B 355 3.20 28.46 -30.62
CA LEU B 355 3.51 27.24 -29.88
C LEU B 355 2.38 26.90 -28.91
N PHE B 356 2.09 25.62 -28.78
CA PHE B 356 1.03 25.13 -27.88
C PHE B 356 1.53 23.90 -27.16
N ILE B 357 2.10 24.08 -25.98
CA ILE B 357 2.58 22.96 -25.18
C ILE B 357 1.38 22.24 -24.58
N THR B 358 1.34 20.92 -24.73
CA THR B 358 0.21 20.12 -24.26
C THR B 358 0.70 18.97 -23.40
N SER B 359 -0.06 18.67 -22.35
CA SER B 359 0.22 17.56 -21.47
C SER B 359 -0.09 16.26 -22.20
N PRO B 360 0.39 15.12 -21.68
CA PRO B 360 0.07 13.83 -22.34
C PRO B 360 -1.43 13.58 -22.46
N GLU B 361 -2.22 14.00 -21.48
CA GLU B 361 -3.66 13.80 -21.51
C GLU B 361 -4.38 14.78 -22.43
N GLY B 362 -3.65 15.60 -23.18
CA GLY B 362 -4.23 16.48 -24.17
C GLY B 362 -4.44 17.92 -23.71
N LYS B 363 -4.43 18.15 -22.39
CA LYS B 363 -4.66 19.51 -21.83
C LYS B 363 -3.56 20.46 -22.27
N THR B 364 -3.91 21.67 -22.71
CA THR B 364 -2.95 22.68 -23.13
C THR B 364 -2.40 23.40 -21.93
N LEU B 365 -1.07 23.47 -21.83
CA LEU B 365 -0.39 24.06 -20.68
C LEU B 365 0.07 25.49 -20.95
N ALA B 366 0.74 25.74 -22.07
CA ALA B 366 1.21 27.06 -22.43
C ALA B 366 0.55 27.50 -23.74
N GLY B 367 -0.05 28.69 -23.75
CA GLY B 367 -0.73 29.20 -24.90
C GLY B 367 0.23 29.64 -25.99
N PRO B 368 -0.23 30.49 -26.89
CA PRO B 368 0.59 30.89 -28.05
C PRO B 368 1.86 31.60 -27.61
N LEU B 369 2.99 31.04 -28.02
CA LEU B 369 4.30 31.60 -27.72
C LEU B 369 4.97 31.98 -29.04
N ASN B 370 5.62 33.15 -29.06
CA ASN B 370 6.23 33.67 -30.28
C ASN B 370 7.61 34.23 -29.99
N PHE B 371 8.38 33.55 -29.16
CA PHE B 371 9.69 34.05 -28.78
C PHE B 371 10.73 33.69 -29.84
N THR B 372 11.97 34.13 -29.59
CA THR B 372 13.10 33.84 -30.48
C THR B 372 14.37 34.12 -29.72
N LEU B 373 15.26 33.13 -29.65
CA LEU B 373 16.50 33.25 -28.88
C LEU B 373 17.70 33.01 -29.80
N PRO B 374 18.43 34.07 -30.19
CA PRO B 374 19.58 33.88 -31.07
C PRO B 374 20.67 33.05 -30.42
N ALA B 375 21.64 32.66 -31.23
CA ALA B 375 22.69 31.77 -30.76
C ALA B 375 23.55 32.43 -29.69
N GLY B 376 23.85 31.69 -28.63
CA GLY B 376 24.75 32.15 -27.60
C GLY B 376 24.16 33.12 -26.60
N GLN B 377 22.88 33.45 -26.72
CA GLN B 377 22.26 34.41 -25.82
C GLN B 377 21.58 33.71 -24.66
N ARG B 378 21.37 34.48 -23.58
CA ARG B 378 20.85 33.96 -22.32
C ARG B 378 19.54 34.67 -21.99
N ALA B 379 18.42 33.98 -22.14
CA ALA B 379 17.11 34.54 -21.85
C ALA B 379 16.68 34.15 -20.44
N VAL B 380 15.63 34.80 -19.96
CA VAL B 380 15.08 34.55 -18.63
C VAL B 380 13.56 34.44 -18.73
N LEU B 381 13.00 33.44 -18.06
CA LEU B 381 11.57 33.31 -17.90
C LEU B 381 11.18 33.73 -16.49
N VAL B 382 10.24 34.66 -16.37
CA VAL B 382 9.76 35.12 -15.09
C VAL B 382 8.24 35.14 -15.12
N GLY B 383 7.65 35.06 -13.94
CA GLY B 383 6.20 35.08 -13.84
C GLY B 383 5.76 34.46 -12.53
N ARG B 384 4.43 34.35 -12.41
CA ARG B 384 3.85 33.71 -11.25
C ARG B 384 3.87 32.19 -11.42
N SER B 385 3.70 31.48 -10.30
CA SER B 385 3.57 30.04 -10.37
C SER B 385 2.30 29.66 -11.10
N GLY B 386 2.41 28.64 -11.95
CA GLY B 386 1.29 28.23 -12.77
C GLY B 386 1.14 28.97 -14.08
N SER B 387 2.15 29.71 -14.51
CA SER B 387 2.09 30.48 -15.75
C SER B 387 2.67 29.73 -16.93
N GLY B 388 3.09 28.49 -16.76
CA GLY B 388 3.53 27.68 -17.87
C GLY B 388 5.00 27.79 -18.23
N LYS B 389 5.84 28.32 -17.35
CA LYS B 389 7.23 28.54 -17.70
C LYS B 389 8.13 27.35 -17.41
N SER B 390 7.61 26.40 -16.64
CA SER B 390 8.31 25.14 -16.31
C SER B 390 7.96 24.10 -17.38
N SER B 391 6.86 24.34 -18.09
CA SER B 391 6.37 23.53 -19.24
C SER B 391 7.21 23.86 -20.48
N LEU B 392 7.50 25.15 -20.68
CA LEU B 392 8.30 25.61 -21.85
C LEU B 392 9.64 24.88 -21.86
N LEU B 393 10.28 24.73 -20.69
CA LEU B 393 11.55 24.03 -20.62
C LEU B 393 11.37 22.52 -20.77
N ASN B 394 10.21 21.99 -20.38
CA ASN B 394 9.92 20.59 -20.66
C ASN B 394 9.79 20.34 -22.15
N ALA B 395 9.15 21.26 -22.87
CA ALA B 395 9.00 21.09 -24.31
C ALA B 395 10.35 21.14 -25.01
N LEU B 396 11.23 22.05 -24.61
CA LEU B 396 12.54 22.14 -25.24
C LEU B 396 13.37 20.89 -25.00
N SER B 397 13.15 20.20 -23.88
CA SER B 397 13.86 18.96 -23.62
C SER B 397 13.27 17.79 -24.38
N GLY B 398 12.04 17.91 -24.86
CA GLY B 398 11.36 16.82 -25.53
C GLY B 398 10.41 16.03 -24.66
N PHE B 399 10.05 16.55 -23.49
CA PHE B 399 9.17 15.83 -22.58
C PHE B 399 7.70 16.06 -22.85
N LEU B 400 7.35 17.14 -23.53
CA LEU B 400 5.96 17.50 -23.80
C LEU B 400 5.75 17.68 -25.29
N SER B 401 4.63 17.17 -25.78
CA SER B 401 4.27 17.35 -27.17
C SER B 401 3.71 18.75 -27.40
N TYR B 402 3.73 19.19 -28.65
CA TYR B 402 3.22 20.49 -29.02
C TYR B 402 2.66 20.45 -30.43
N GLN B 403 1.78 21.39 -30.73
CA GLN B 403 1.21 21.53 -32.07
C GLN B 403 1.39 22.94 -32.60
N GLY B 404 2.59 23.49 -32.43
CA GLY B 404 2.92 24.77 -33.03
C GLY B 404 4.17 24.65 -33.88
N SER B 405 5.15 25.51 -33.62
CA SER B 405 6.44 25.44 -34.29
C SER B 405 7.53 25.78 -33.29
N LEU B 406 8.51 24.90 -33.15
CA LEU B 406 9.62 25.07 -32.21
C LEU B 406 10.88 24.59 -32.93
N ARG B 407 11.59 25.52 -33.54
CA ARG B 407 12.65 25.20 -34.48
C ARG B 407 14.01 25.38 -33.82
N ILE B 408 14.84 24.35 -33.87
CA ILE B 408 16.18 24.36 -33.32
C ILE B 408 17.15 24.47 -34.50
N ASN B 409 17.87 25.59 -34.58
CA ASN B 409 18.77 25.86 -35.71
C ASN B 409 18.01 25.78 -37.03
N GLY B 410 16.73 26.11 -37.01
CA GLY B 410 15.88 26.00 -38.19
C GLY B 410 15.29 24.63 -38.41
N ILE B 411 15.64 23.64 -37.60
CA ILE B 411 15.11 22.29 -37.71
C ILE B 411 13.99 22.13 -36.69
N GLU B 412 12.87 21.58 -37.12
CA GLU B 412 11.74 21.39 -36.23
C GLU B 412 12.11 20.40 -35.12
N LEU B 413 11.54 20.60 -33.94
CA LEU B 413 11.86 19.73 -32.81
C LEU B 413 11.24 18.34 -32.95
N ARG B 414 10.13 18.22 -33.68
CA ARG B 414 9.60 16.88 -33.96
C ARG B 414 10.56 16.10 -34.83
N ASP B 415 11.23 16.78 -35.77
CA ASP B 415 12.13 16.10 -36.68
C ASP B 415 13.40 15.63 -35.99
N LEU B 416 13.87 16.36 -34.98
CA LEU B 416 15.10 16.00 -34.28
C LEU B 416 14.93 14.68 -33.54
N SER B 417 15.95 13.83 -33.64
CA SER B 417 15.93 12.56 -32.93
C SER B 417 16.22 12.78 -31.46
N PRO B 418 15.36 12.31 -30.55
CA PRO B 418 15.56 12.60 -29.12
C PRO B 418 16.87 12.07 -28.58
N GLU B 419 17.38 10.96 -29.12
CA GLU B 419 18.61 10.38 -28.60
C GLU B 419 19.81 11.28 -28.88
N SER B 420 19.81 11.96 -30.02
CA SER B 420 20.91 12.84 -30.38
C SER B 420 20.68 14.30 -30.02
N TRP B 421 19.42 14.73 -29.92
CA TRP B 421 19.14 16.10 -29.50
C TRP B 421 19.59 16.33 -28.07
N ARG B 422 19.31 15.38 -27.18
CA ARG B 422 19.60 15.55 -25.77
C ARG B 422 21.08 15.38 -25.44
N LYS B 423 21.92 15.12 -26.44
CA LYS B 423 23.36 15.19 -26.23
C LYS B 423 23.90 16.61 -26.37
N HIS B 424 23.05 17.55 -26.77
CA HIS B 424 23.37 18.97 -26.82
C HIS B 424 22.50 19.75 -25.85
N LEU B 425 22.31 19.20 -24.65
CA LEU B 425 21.28 19.70 -23.75
C LEU B 425 21.68 19.38 -22.32
N SER B 426 21.72 20.40 -21.47
CA SER B 426 21.99 20.25 -20.05
C SER B 426 20.91 20.98 -19.27
N TRP B 427 20.42 20.35 -18.21
CA TRP B 427 19.36 20.92 -17.39
C TRP B 427 19.72 20.73 -15.92
N VAL B 428 19.65 21.81 -15.15
CA VAL B 428 19.90 21.73 -13.71
C VAL B 428 18.63 21.43 -12.94
N GLY B 429 17.53 22.10 -13.28
CA GLY B 429 16.23 21.71 -12.77
C GLY B 429 15.91 22.27 -11.41
N GLN B 430 14.63 22.18 -11.05
CA GLN B 430 14.13 22.73 -9.75
C GLN B 430 14.75 21.98 -8.57
N ASN B 431 14.73 20.65 -8.60
CA ASN B 431 15.22 19.80 -7.52
C ASN B 431 16.32 18.89 -8.03
N PRO B 432 17.28 18.53 -7.17
CA PRO B 432 18.47 17.82 -7.67
C PRO B 432 18.17 16.49 -8.33
N GLN B 433 17.50 15.58 -7.64
CA GLN B 433 17.18 14.26 -8.18
C GLN B 433 18.44 13.52 -8.60
N LEU B 434 19.28 13.20 -7.62
CA LEU B 434 20.49 12.43 -7.88
C LEU B 434 20.13 10.95 -7.93
N PRO B 435 20.19 10.31 -9.10
CA PRO B 435 19.74 8.90 -9.22
C PRO B 435 20.84 7.85 -9.13
N ALA B 436 22.10 8.23 -8.91
CA ALA B 436 23.17 7.25 -8.86
C ALA B 436 23.44 6.81 -7.42
N ALA B 437 24.48 6.00 -7.24
CA ALA B 437 24.77 5.44 -5.93
C ALA B 437 25.55 6.41 -5.06
N THR B 438 26.73 6.81 -5.50
CA THR B 438 27.60 7.68 -4.73
C THR B 438 27.45 9.12 -5.19
N LEU B 439 28.28 10.00 -4.62
CA LEU B 439 28.31 11.40 -5.06
C LEU B 439 29.21 11.57 -6.28
N ARG B 440 30.18 10.70 -6.46
CA ARG B 440 31.01 10.77 -7.66
C ARG B 440 30.28 10.22 -8.88
N ASP B 441 29.45 9.20 -8.68
CA ASP B 441 28.70 8.64 -9.80
C ASP B 441 27.52 9.49 -10.21
N ASN B 442 27.14 10.47 -9.39
CA ASN B 442 26.12 11.43 -9.79
C ASN B 442 26.71 12.51 -10.69
N VAL B 443 27.89 13.03 -10.32
CA VAL B 443 28.53 14.05 -11.14
C VAL B 443 28.94 13.47 -12.50
N LEU B 444 29.47 12.25 -12.50
CA LEU B 444 29.90 11.59 -13.72
C LEU B 444 28.75 10.90 -14.45
N LEU B 445 27.50 11.29 -14.17
CA LEU B 445 26.37 10.66 -14.84
C LEU B 445 26.41 10.90 -16.34
N ALA B 446 26.82 12.10 -16.76
CA ALA B 446 26.82 12.44 -18.17
C ALA B 446 27.83 11.59 -18.93
N ARG B 447 29.08 11.55 -18.47
CA ARG B 447 30.13 10.74 -19.08
C ARG B 447 30.88 10.02 -17.98
N PRO B 448 30.57 8.74 -17.74
CA PRO B 448 31.22 8.02 -16.63
C PRO B 448 32.71 7.81 -16.81
N ASP B 449 33.23 7.92 -18.03
CA ASP B 449 34.64 7.70 -18.30
C ASP B 449 35.47 8.97 -18.24
N ALA B 450 35.01 9.98 -17.52
CA ALA B 450 35.75 11.25 -17.45
C ALA B 450 37.06 11.06 -16.69
N SER B 451 38.09 11.77 -17.14
CA SER B 451 39.38 11.72 -16.47
C SER B 451 39.29 12.34 -15.09
N GLU B 452 40.17 11.87 -14.19
CA GLU B 452 40.15 12.36 -12.82
C GLU B 452 40.43 13.85 -12.73
N GLN B 453 41.12 14.43 -13.73
CA GLN B 453 41.32 15.87 -13.74
C GLN B 453 40.04 16.60 -14.12
N GLU B 454 39.31 16.09 -15.11
CA GLU B 454 38.09 16.76 -15.56
C GLU B 454 37.00 16.68 -14.50
N LEU B 455 36.96 15.61 -13.71
CA LEU B 455 36.01 15.54 -12.61
C LEU B 455 36.28 16.64 -11.59
N GLN B 456 37.55 16.91 -11.30
CA GLN B 456 37.89 17.98 -10.37
C GLN B 456 37.52 19.35 -10.93
N ALA B 457 37.54 19.50 -12.26
CA ALA B 457 37.15 20.77 -12.86
C ALA B 457 35.69 21.09 -12.58
N ALA B 458 34.82 20.09 -12.64
CA ALA B 458 33.41 20.31 -12.36
C ALA B 458 33.17 20.48 -10.87
N LEU B 459 33.88 19.71 -10.04
CA LEU B 459 33.70 19.80 -8.60
C LEU B 459 34.13 21.17 -8.07
N ASP B 460 35.21 21.72 -8.61
CA ASP B 460 35.68 23.03 -8.16
C ASP B 460 34.79 24.15 -8.70
N ASN B 461 34.39 24.06 -9.97
CA ASN B 461 33.56 25.11 -10.56
C ASN B 461 32.20 25.19 -9.87
N ALA B 462 31.60 24.03 -9.56
CA ALA B 462 30.30 24.01 -8.91
C ALA B 462 30.40 24.15 -7.40
N TRP B 463 31.61 24.30 -6.86
CA TRP B 463 31.82 24.45 -5.41
C TRP B 463 31.33 23.23 -4.66
N VAL B 464 31.53 22.05 -5.24
CA VAL B 464 31.23 20.82 -4.52
C VAL B 464 32.38 20.45 -3.59
N SER B 465 33.61 20.75 -3.99
CA SER B 465 34.78 20.37 -3.21
C SER B 465 34.94 21.17 -1.93
N GLU B 466 34.22 22.29 -1.76
CA GLU B 466 34.35 23.07 -0.54
C GLU B 466 33.67 22.39 0.64
N PHE B 467 32.64 21.58 0.39
CA PHE B 467 31.97 20.83 1.45
C PHE B 467 32.23 19.33 1.36
N LEU B 468 33.07 18.90 0.42
CA LEU B 468 33.42 17.47 0.35
C LEU B 468 34.09 16.95 1.60
N PRO B 469 35.06 17.65 2.22
CA PRO B 469 35.64 17.13 3.46
C PRO B 469 34.62 16.95 4.58
N LEU B 470 33.53 17.73 4.58
CA LEU B 470 32.48 17.53 5.57
C LEU B 470 31.79 16.18 5.43
N LEU B 471 31.83 15.58 4.23
CA LEU B 471 31.24 14.28 4.02
C LEU B 471 32.14 13.19 4.62
N PRO B 472 31.55 12.12 5.16
CA PRO B 472 32.38 11.08 5.78
C PRO B 472 33.36 10.41 4.82
N GLN B 473 32.97 10.21 3.57
CA GLN B 473 33.81 9.48 2.61
C GLN B 473 34.32 10.35 1.47
N GLY B 474 33.96 11.63 1.43
CA GLY B 474 34.43 12.51 0.38
C GLY B 474 33.60 12.41 -0.89
N VAL B 475 34.28 12.43 -2.03
CA VAL B 475 33.60 12.40 -3.33
C VAL B 475 32.85 11.10 -3.56
N ASP B 476 33.23 10.04 -2.83
CA ASP B 476 32.59 8.73 -2.98
C ASP B 476 31.50 8.49 -1.93
N THR B 477 31.03 9.55 -1.29
CA THR B 477 30.03 9.40 -0.25
C THR B 477 28.69 8.98 -0.86
N PRO B 478 28.10 7.87 -0.41
CA PRO B 478 26.77 7.50 -0.91
C PRO B 478 25.73 8.54 -0.54
N VAL B 479 24.70 8.64 -1.36
CA VAL B 479 23.62 9.58 -1.14
C VAL B 479 22.34 8.91 -0.66
N GLY B 480 22.19 7.60 -0.86
CA GLY B 480 21.00 6.92 -0.39
C GLY B 480 19.76 7.27 -1.20
N ASP B 481 18.61 7.19 -0.56
CA ASP B 481 17.34 7.50 -1.19
C ASP B 481 17.08 9.00 -1.10
N GLN B 482 16.84 9.62 -2.26
CA GLN B 482 16.51 11.05 -2.36
C GLN B 482 17.63 11.94 -1.83
N ALA B 483 18.86 11.44 -1.86
CA ALA B 483 20.05 12.20 -1.47
C ALA B 483 19.88 12.84 -0.09
N ALA B 484 19.51 12.01 0.88
CA ALA B 484 19.27 12.49 2.24
C ALA B 484 20.55 12.68 3.04
N ARG B 485 21.68 12.15 2.58
CA ARG B 485 22.94 12.33 3.29
C ARG B 485 23.35 13.80 3.30
N LEU B 486 23.04 14.53 2.23
CA LEU B 486 23.45 15.91 2.07
C LEU B 486 22.22 16.79 1.80
N SER B 487 22.23 17.98 2.38
CA SER B 487 21.07 18.86 2.36
C SER B 487 20.80 19.37 0.95
N VAL B 488 19.60 19.92 0.77
CA VAL B 488 19.17 20.38 -0.55
C VAL B 488 20.04 21.52 -1.05
N GLY B 489 20.64 22.28 -0.13
CA GLY B 489 21.54 23.34 -0.55
C GLY B 489 22.79 22.80 -1.23
N GLN B 490 23.39 21.76 -0.65
CA GLN B 490 24.58 21.15 -1.22
C GLN B 490 24.29 19.97 -2.12
N ALA B 491 23.03 19.51 -2.18
CA ALA B 491 22.65 18.54 -3.19
C ALA B 491 22.45 19.20 -4.55
N GLN B 492 21.98 20.44 -4.57
CA GLN B 492 21.83 21.16 -5.82
C GLN B 492 23.17 21.46 -6.47
N ARG B 493 24.21 21.67 -5.66
CA ARG B 493 25.54 21.90 -6.22
C ARG B 493 26.11 20.65 -6.87
N VAL B 494 25.64 19.47 -6.48
CA VAL B 494 26.00 18.25 -7.19
C VAL B 494 25.34 18.21 -8.56
N ALA B 495 24.10 18.67 -8.65
CA ALA B 495 23.42 18.73 -9.94
C ALA B 495 24.05 19.77 -10.85
N VAL B 496 24.63 20.82 -10.29
CA VAL B 496 25.32 21.81 -11.11
C VAL B 496 26.61 21.23 -11.68
N ALA B 497 27.37 20.51 -10.85
CA ALA B 497 28.60 19.89 -11.34
C ALA B 497 28.30 18.85 -12.40
N ARG B 498 27.13 18.22 -12.34
CA ARG B 498 26.75 17.24 -13.36
C ARG B 498 26.38 17.92 -14.67
N ALA B 499 25.76 19.10 -14.59
CA ALA B 499 25.35 19.81 -15.79
C ALA B 499 26.52 20.51 -16.49
N LEU B 500 27.56 20.87 -15.74
CA LEU B 500 28.72 21.55 -16.30
C LEU B 500 29.82 20.59 -16.71
N LEU B 501 29.60 19.29 -16.54
CA LEU B 501 30.66 18.29 -16.84
C LEU B 501 31.05 18.33 -18.33
N ASN B 502 30.09 18.18 -19.24
CA ASN B 502 30.42 18.19 -20.69
C ASN B 502 29.86 19.46 -21.35
N PRO B 503 30.51 19.98 -22.41
CA PRO B 503 30.05 21.18 -23.10
C PRO B 503 28.79 20.84 -23.90
N CYS B 504 27.74 21.66 -23.78
CA CYS B 504 26.47 21.41 -24.50
C CYS B 504 26.16 22.60 -25.42
N SER B 505 24.97 22.59 -26.01
CA SER B 505 24.54 23.66 -26.90
C SER B 505 23.42 24.51 -26.32
N LEU B 506 22.49 23.92 -25.57
CA LEU B 506 21.42 24.66 -24.92
C LEU B 506 21.37 24.23 -23.47
N LEU B 507 21.44 25.20 -22.56
CA LEU B 507 21.40 24.95 -21.12
C LEU B 507 20.08 25.46 -20.57
N LEU B 508 19.37 24.59 -19.86
CA LEU B 508 18.09 24.93 -19.25
C LEU B 508 18.25 24.96 -17.74
N LEU B 509 17.78 26.03 -17.11
CA LEU B 509 17.89 26.20 -15.67
C LEU B 509 16.51 26.54 -15.12
N ASP B 510 15.81 25.53 -14.59
CA ASP B 510 14.45 25.73 -14.08
C ASP B 510 14.53 26.01 -12.59
N GLU B 511 14.72 27.29 -12.25
CA GLU B 511 14.79 27.74 -10.87
C GLU B 511 15.79 26.92 -10.04
N PRO B 512 17.07 26.93 -10.43
CA PRO B 512 18.05 26.09 -9.70
C PRO B 512 18.25 26.51 -8.26
N ALA B 513 18.09 27.79 -7.94
CA ALA B 513 18.36 28.29 -6.59
C ALA B 513 17.09 28.64 -5.84
N ALA B 514 16.03 27.84 -6.01
CA ALA B 514 14.81 27.99 -5.24
C ALA B 514 14.80 26.93 -4.14
N SER B 515 14.34 27.33 -2.96
CA SER B 515 14.35 26.48 -1.78
C SER B 515 15.77 26.05 -1.40
N LEU B 516 16.71 26.98 -1.56
CA LEU B 516 18.10 26.77 -1.17
C LEU B 516 18.47 27.73 -0.05
N ASP B 517 19.45 27.34 0.75
CA ASP B 517 19.94 28.21 1.80
C ASP B 517 20.66 29.42 1.22
N ALA B 518 21.06 30.33 2.09
CA ALA B 518 21.67 31.58 1.63
C ALA B 518 23.04 31.34 1.04
N HIS B 519 23.86 30.48 1.65
CA HIS B 519 25.21 30.27 1.17
C HIS B 519 25.23 29.45 -0.11
N SER B 520 24.43 28.37 -0.17
CA SER B 520 24.40 27.53 -1.36
C SER B 520 23.89 28.30 -2.56
N GLU B 521 22.87 29.13 -2.36
CA GLU B 521 22.33 29.92 -3.47
C GLU B 521 23.38 30.83 -4.07
N GLN B 522 24.19 31.47 -3.21
CA GLN B 522 25.24 32.35 -3.70
C GLN B 522 26.25 31.57 -4.55
N ARG B 523 26.61 30.37 -4.10
CA ARG B 523 27.58 29.56 -4.83
C ARG B 523 27.00 29.03 -6.13
N VAL B 524 25.73 28.64 -6.12
CA VAL B 524 25.10 28.11 -7.33
C VAL B 524 25.00 29.18 -8.39
N MET B 525 24.52 30.38 -8.03
CA MET B 525 24.31 31.43 -9.02
C MET B 525 25.59 31.84 -9.71
N GLU B 526 26.64 32.07 -8.91
CA GLU B 526 27.97 32.51 -9.40
C GLU B 526 28.54 31.48 -10.38
N ALA B 527 28.14 30.22 -10.23
CA ALA B 527 28.58 29.13 -11.10
C ALA B 527 27.70 29.01 -12.33
N LEU B 528 26.39 29.22 -12.19
CA LEU B 528 25.48 29.24 -13.32
C LEU B 528 25.38 30.59 -13.99
N ASN B 529 25.93 31.65 -13.39
CA ASN B 529 26.04 32.92 -14.09
C ASN B 529 27.33 32.98 -14.90
N ALA B 530 28.29 32.11 -14.59
CA ALA B 530 29.51 32.04 -15.38
C ALA B 530 29.41 30.99 -16.48
N ALA B 531 28.57 29.98 -16.29
CA ALA B 531 28.37 28.93 -17.28
C ALA B 531 27.20 29.21 -18.22
N SER B 532 26.43 30.28 -17.97
CA SER B 532 25.35 30.64 -18.87
C SER B 532 25.83 31.46 -20.06
N LEU B 533 27.06 31.98 -20.01
CA LEU B 533 27.62 32.75 -21.12
C LEU B 533 28.27 31.87 -22.16
N ARG B 534 28.47 30.57 -21.89
CA ARG B 534 29.20 29.70 -22.78
C ARG B 534 28.33 29.08 -23.87
N GLN B 535 27.01 29.16 -23.76
CA GLN B 535 26.11 28.58 -24.74
C GLN B 535 24.74 29.24 -24.61
N THR B 536 23.79 28.78 -25.43
CA THR B 536 22.43 29.29 -25.40
C THR B 536 21.76 28.87 -24.11
N THR B 537 21.46 29.84 -23.24
CA THR B 537 20.88 29.57 -21.93
C THR B 537 19.45 30.11 -21.88
N LEU B 538 18.58 29.39 -21.18
CA LEU B 538 17.22 29.84 -20.92
C LEU B 538 16.87 29.45 -19.50
N MET B 539 16.61 30.45 -18.66
CA MET B 539 16.48 30.25 -17.22
C MET B 539 15.11 30.70 -16.73
N VAL B 540 14.48 29.87 -15.90
CA VAL B 540 13.31 30.25 -15.13
C VAL B 540 13.78 30.67 -13.75
N THR B 541 13.35 31.84 -13.30
CA THR B 541 13.79 32.34 -12.01
C THR B 541 12.78 33.31 -11.44
N HIS B 542 12.87 33.54 -10.13
CA HIS B 542 12.15 34.61 -9.47
C HIS B 542 13.09 35.54 -8.71
N GLN B 543 14.40 35.42 -8.92
CA GLN B 543 15.37 36.35 -8.34
C GLN B 543 15.56 37.52 -9.30
N LEU B 544 14.49 38.30 -9.42
CA LEU B 544 14.40 39.34 -10.46
C LEU B 544 15.40 40.47 -10.27
N GLU B 545 16.00 40.60 -9.09
CA GLU B 545 16.94 41.69 -8.86
C GLU B 545 18.32 41.40 -9.43
N ASP B 546 18.60 40.17 -9.83
CA ASP B 546 19.91 39.77 -10.35
C ASP B 546 19.94 39.66 -11.86
N LEU B 547 18.88 40.07 -12.56
CA LEU B 547 18.75 39.86 -13.98
C LEU B 547 19.23 41.05 -14.81
N ALA B 548 20.05 41.93 -14.22
CA ALA B 548 20.55 43.07 -14.98
C ALA B 548 21.49 42.64 -16.10
N ASP B 549 22.25 41.57 -15.89
CA ASP B 549 23.21 41.11 -16.88
C ASP B 549 22.53 40.42 -18.05
N TRP B 550 21.48 39.64 -17.78
CA TRP B 550 20.82 38.89 -18.84
C TRP B 550 20.20 39.83 -19.85
N ASP B 551 20.30 39.47 -21.13
CA ASP B 551 19.99 40.39 -22.21
C ASP B 551 18.57 40.28 -22.73
N VAL B 552 17.80 39.26 -22.32
CA VAL B 552 16.42 39.10 -22.73
C VAL B 552 15.63 38.54 -21.55
N ILE B 553 14.47 39.14 -21.26
CA ILE B 553 13.60 38.69 -20.20
C ILE B 553 12.21 38.45 -20.79
N TRP B 554 11.63 37.29 -20.51
CA TRP B 554 10.29 36.94 -20.97
C TRP B 554 9.37 36.87 -19.77
N VAL B 555 8.57 37.91 -19.56
CA VAL B 555 7.56 37.90 -18.51
C VAL B 555 6.37 37.10 -19.03
N MET B 556 6.17 35.91 -18.49
CA MET B 556 5.21 34.96 -19.03
C MET B 556 4.07 34.77 -18.02
N GLN B 557 2.84 35.00 -18.48
CA GLN B 557 1.66 34.86 -17.63
C GLN B 557 0.60 34.05 -18.36
N ASP B 558 0.01 33.09 -17.65
CA ASP B 558 -1.08 32.27 -18.17
C ASP B 558 -0.69 31.57 -19.48
N GLY B 559 0.53 31.05 -19.53
CA GLY B 559 0.99 30.36 -20.71
C GLY B 559 1.26 31.25 -21.90
N ARG B 560 1.54 32.54 -21.67
CA ARG B 560 1.76 33.47 -22.77
C ARG B 560 2.84 34.46 -22.37
N ILE B 561 3.78 34.71 -23.27
CA ILE B 561 4.84 35.69 -23.02
C ILE B 561 4.24 37.07 -23.27
N ILE B 562 3.84 37.75 -22.20
CA ILE B 562 3.11 39.01 -22.33
C ILE B 562 4.03 40.22 -22.38
N GLU B 563 5.32 40.06 -22.11
CA GLU B 563 6.23 41.19 -22.15
C GLU B 563 7.63 40.69 -22.47
N GLN B 564 8.46 41.60 -23.00
CA GLN B 564 9.82 41.25 -23.40
C GLN B 564 10.71 42.47 -23.23
N GLY B 565 12.01 42.22 -23.17
CA GLY B 565 12.99 43.29 -23.07
C GLY B 565 14.04 43.02 -22.02
N ARG B 566 15.00 43.93 -21.90
CA ARG B 566 16.05 43.79 -20.91
C ARG B 566 15.58 44.28 -19.55
N TYR B 567 16.37 43.98 -18.52
CA TYR B 567 16.03 44.42 -17.17
C TYR B 567 16.06 45.94 -17.05
N ALA B 568 16.90 46.61 -17.85
CA ALA B 568 17.02 48.05 -17.77
C ALA B 568 15.72 48.74 -18.18
N GLU B 569 15.07 48.25 -19.24
CA GLU B 569 13.88 48.89 -19.78
C GLU B 569 12.58 48.31 -19.26
N LEU B 570 12.63 47.26 -18.44
CA LEU B 570 11.43 46.69 -17.86
C LEU B 570 11.19 47.13 -16.42
N SER B 571 12.25 47.33 -15.64
CA SER B 571 12.08 47.73 -14.25
C SER B 571 11.47 49.12 -14.11
N VAL B 572 11.53 49.94 -15.16
CA VAL B 572 10.96 51.27 -15.15
C VAL B 572 9.76 51.40 -16.07
N ALA B 573 9.39 50.34 -16.79
CA ALA B 573 8.26 50.41 -17.71
C ALA B 573 6.92 50.36 -17.00
N GLY B 574 6.89 49.87 -15.77
CA GLY B 574 5.64 49.78 -15.03
C GLY B 574 4.71 48.67 -15.45
N GLY B 575 5.16 47.77 -16.34
CA GLY B 575 4.32 46.70 -16.81
C GLY B 575 4.22 45.56 -15.82
N PRO B 576 3.92 44.36 -16.32
CA PRO B 576 3.83 43.20 -15.42
C PRO B 576 5.14 42.80 -14.77
N PHE B 577 6.28 43.22 -15.30
CA PHE B 577 7.54 42.91 -14.65
C PHE B 577 7.75 43.76 -13.41
N ALA B 578 7.44 45.05 -13.48
CA ALA B 578 7.57 45.91 -12.32
C ALA B 578 6.70 45.43 -11.18
N THR B 579 5.52 44.89 -11.50
CA THR B 579 4.69 44.26 -10.48
C THR B 579 5.38 43.05 -9.88
N LEU B 580 5.98 42.21 -10.74
CA LEU B 580 6.69 41.04 -10.24
C LEU B 580 7.93 41.42 -9.46
N LEU B 581 8.70 42.40 -9.96
CA LEU B 581 9.90 42.82 -9.26
C LEU B 581 9.57 43.40 -7.90
N ALA B 582 8.52 44.22 -7.82
CA ALA B 582 8.13 44.81 -6.54
C ALA B 582 7.71 43.73 -5.54
N HIS B 583 6.99 42.72 -6.01
CA HIS B 583 6.58 41.63 -5.12
C HIS B 583 7.78 40.85 -4.60
N ARG B 584 8.86 40.80 -5.38
CA ARG B 584 10.08 40.13 -4.92
C ARG B 584 10.84 40.99 -3.91
N GLN B 585 10.82 42.31 -4.07
CA GLN B 585 11.57 43.19 -3.19
C GLN B 585 11.07 43.18 -1.76
N GLU B 586 9.88 42.62 -1.50
CA GLU B 586 9.35 42.57 -0.16
C GLU B 586 9.87 41.39 0.65
N GLU B 587 10.55 40.44 0.00
CA GLU B 587 11.19 39.35 0.72
C GLU B 587 12.34 39.89 1.57
N ILE B 588 12.72 39.11 2.58
CA ILE B 588 13.93 39.43 3.34
C ILE B 588 14.76 38.18 3.54
#